data_6PHV
#
_entry.id   6PHV
#
_cell.length_a   90.634
_cell.length_b   127.283
_cell.length_c   151.933
_cell.angle_alpha   90.000
_cell.angle_beta   90.000
_cell.angle_gamma   90.000
#
_symmetry.space_group_name_H-M   'I 2 2 2'
#
loop_
_entity.id
_entity.type
_entity.pdbx_description
1 polymer Alpha-galactosidase
2 non-polymer 1,2-ETHANEDIOL
3 non-polymer alpha-D-galactopyranose
4 non-polymer 'SODIUM ION'
5 non-polymer 2-AMINO-2-HYDROXYMETHYL-PROPANE-1,3-DIOL
6 water water
#
_entity_poly.entity_id   1
_entity_poly.type   'polypeptide(L)'
_entity_poly.pdbx_seq_one_letter_code
;MGSSHHHHHHSSGLVPRGSHMGVRIENNLFYVESKNLSLIIENRNGYLLLKHLGKTIKNYKGSNSVYERDHAFSGNPTAT
NRTFSLDTQRQIFGQHGLGDFRKPTIQVQHSVTEVTDFRFVEAKILKGQNGPQGLPSPHSMDDTETLVLMLEDSKAQLSL
TLYYTTFNNDATIASYSKLDNNSNQEVVIHKDFSFMADFPAADYEIVTLQGAYAREKTVRRQQVEQGIFSISSNRGASGH
AQTPALLLCEQGVTEDAGNVFAIQLMYSGNFEAFVQKNQLNEVRVAIGINPENFSWKLAPEEYFETPVALVTHSDQGLTG
ISHESQNFVLKHIMLSEFSKKERPILINNWEATYFDFQREKLLELADEAKKVGIELFVLDDGWFGNRFDDNRALGDWVVN
EEKLGGSLESLISAIHERGLQFGLWLEPEMISVDSDLYRQHPDWAIQVPGYEHTYSRNQLVLNLANPQVVEYLKSVLDQL
LFYHDIDYIKWDMNRNITKLGNGLTYLETQMQSHQYMLGLYELVSYLTEKHSHILFESCSGGGGRNDLGMMRYFPQVWAS
DNTDAIARLPIQYGSSYLYPTISMGAHVSAVPNHQMGRMTPLETRGLVAMMGNLGYELDLTNLSDEEKATIANQVNLYKE
LRPVVQLGQQYRLINPDTVSNEAAVQFNYGNQTIVTYVRVLSVVETMETTLKLKDLDEEGLYKLQENGEVYSGAELMYAG
LTVILSQGDFLSRQYIFRKL
;
_entity_poly.pdbx_strand_id   A
#
loop_
_chem_comp.id
_chem_comp.type
_chem_comp.name
_chem_comp.formula
EDO non-polymer 1,2-ETHANEDIOL 'C2 H6 O2'
GLA D-saccharide, alpha linking alpha-D-galactopyranose 'C6 H12 O6'
NA non-polymer 'SODIUM ION' 'Na 1'
TRS non-polymer 2-AMINO-2-HYDROXYMETHYL-PROPANE-1,3-DIOL 'C4 H12 N O3 1'
#
# COMPACT_ATOMS: atom_id res chain seq x y z
N HIS A 20 -21.90 0.63 21.09
CA HIS A 20 -21.09 -0.46 21.69
C HIS A 20 -20.42 -1.30 20.61
N MET A 21 -19.10 -1.50 20.79
CA MET A 21 -18.26 -2.14 19.77
C MET A 21 -17.52 -3.33 20.35
N GLY A 22 -17.11 -4.25 19.47
CA GLY A 22 -16.54 -5.52 19.87
C GLY A 22 -17.28 -6.70 19.25
N VAL A 23 -17.14 -7.87 19.87
CA VAL A 23 -17.72 -9.07 19.29
C VAL A 23 -18.82 -9.56 20.22
N ARG A 24 -19.93 -9.99 19.63
CA ARG A 24 -21.03 -10.55 20.41
C ARG A 24 -21.52 -11.82 19.72
N ILE A 25 -21.85 -12.84 20.53
CA ILE A 25 -22.37 -14.11 20.02
C ILE A 25 -23.75 -14.30 20.63
N GLU A 26 -24.80 -14.22 19.80
CA GLU A 26 -26.18 -14.28 20.26
C GLU A 26 -26.91 -15.38 19.51
N ASN A 27 -27.17 -16.51 20.20
CA ASN A 27 -27.78 -17.68 19.58
C ASN A 27 -26.97 -18.08 18.36
N ASN A 28 -27.55 -18.03 17.16
CA ASN A 28 -26.79 -18.49 15.99
C ASN A 28 -26.19 -17.35 15.19
N LEU A 29 -26.20 -16.13 15.74
CA LEU A 29 -25.63 -14.96 15.08
C LEU A 29 -24.32 -14.57 15.75
N PHE A 30 -23.36 -14.16 14.92
CA PHE A 30 -22.13 -13.54 15.41
C PHE A 30 -22.07 -12.12 14.89
N TYR A 31 -21.81 -11.19 15.82
CA TYR A 31 -21.76 -9.76 15.54
C TYR A 31 -20.31 -9.30 15.72
N VAL A 32 -19.70 -8.87 14.60
CA VAL A 32 -18.37 -8.27 14.61
C VAL A 32 -18.57 -6.77 14.42
N GLU A 33 -18.38 -6.00 15.50
CA GLU A 33 -18.82 -4.61 15.53
C GLU A 33 -17.64 -3.66 15.71
N SER A 34 -17.16 -3.08 14.59
CA SER A 34 -16.29 -1.93 14.58
C SER A 34 -17.13 -0.65 14.60
N LYS A 35 -16.45 0.48 14.72
CA LYS A 35 -17.12 1.76 14.72
C LYS A 35 -17.82 1.95 13.37
N ASN A 36 -19.17 1.93 13.38
CA ASN A 36 -19.95 2.23 12.19
C ASN A 36 -19.86 1.13 11.14
N LEU A 37 -19.33 -0.04 11.50
CA LEU A 37 -19.25 -1.15 10.54
C LEU A 37 -19.49 -2.46 11.27
N SER A 38 -20.49 -3.21 10.80
CA SER A 38 -20.83 -4.50 11.37
C SER A 38 -20.75 -5.58 10.29
N LEU A 39 -20.22 -6.75 10.68
CA LEU A 39 -20.31 -8.01 9.96
C LEU A 39 -21.11 -8.98 10.84
N ILE A 40 -22.23 -9.46 10.30
CA ILE A 40 -23.16 -10.31 11.01
C ILE A 40 -23.22 -11.63 10.24
N ILE A 41 -22.84 -12.69 10.95
CA ILE A 41 -22.71 -14.01 10.37
C ILE A 41 -23.66 -14.93 11.13
N GLU A 42 -24.29 -15.85 10.40
CA GLU A 42 -25.17 -16.83 10.99
C GLU A 42 -24.57 -18.22 10.80
N ASN A 43 -24.57 -18.99 11.90
CA ASN A 43 -24.25 -20.39 11.85
C ASN A 43 -25.53 -21.15 11.53
N ARG A 44 -25.53 -21.79 10.35
CA ARG A 44 -26.69 -22.56 9.94
C ARG A 44 -26.25 -24.01 9.74
N ASN A 45 -26.36 -24.76 10.84
CA ASN A 45 -26.04 -26.18 10.87
C ASN A 45 -24.61 -26.45 10.38
N GLY A 46 -23.65 -25.65 10.83
CA GLY A 46 -22.27 -25.83 10.38
C GLY A 46 -21.86 -24.89 9.24
N TYR A 47 -22.85 -24.37 8.49
CA TYR A 47 -22.56 -23.49 7.36
C TYR A 47 -22.59 -22.04 7.83
N LEU A 48 -21.63 -21.22 7.39
CA LEU A 48 -21.61 -19.86 7.86
C LEU A 48 -22.15 -18.92 6.79
N LEU A 49 -23.22 -18.20 7.11
CA LEU A 49 -23.86 -17.32 6.13
C LEU A 49 -23.55 -15.86 6.45
N LEU A 50 -23.18 -15.10 5.41
CA LEU A 50 -23.02 -13.66 5.49
C LEU A 50 -24.42 -13.04 5.49
N LYS A 51 -24.84 -12.52 6.64
CA LYS A 51 -26.17 -11.95 6.76
C LYS A 51 -26.13 -10.46 6.42
N HIS A 52 -25.12 -9.74 6.94
CA HIS A 52 -25.02 -8.31 6.72
C HIS A 52 -23.57 -7.86 6.91
N LEU A 53 -23.11 -7.02 5.98
CA LEU A 53 -21.87 -6.28 6.06
C LEU A 53 -22.16 -4.84 5.66
N GLY A 54 -21.97 -3.90 6.60
CA GLY A 54 -22.35 -2.53 6.34
C GLY A 54 -22.54 -1.79 7.65
N LYS A 55 -23.43 -0.79 7.63
CA LYS A 55 -23.68 0.07 8.78
C LYS A 55 -24.24 -0.74 9.95
N THR A 56 -23.98 -0.26 11.17
CA THR A 56 -24.29 -0.96 12.42
C THR A 56 -25.77 -1.34 12.48
N ILE A 57 -26.02 -2.63 12.77
CA ILE A 57 -27.36 -3.11 13.09
C ILE A 57 -27.31 -3.94 14.39
N LYS A 58 -28.11 -3.57 15.37
CA LYS A 58 -28.29 -4.40 16.56
C LYS A 58 -29.62 -5.15 16.40
N ASN A 59 -29.76 -6.29 17.05
CA ASN A 59 -31.01 -7.04 17.09
C ASN A 59 -31.43 -7.31 15.65
N TYR A 60 -30.51 -7.87 14.86
CA TYR A 60 -30.76 -8.13 13.46
C TYR A 60 -31.78 -9.27 13.35
N LYS A 61 -32.81 -9.12 12.50
CA LYS A 61 -33.83 -10.14 12.35
C LYS A 61 -33.65 -10.95 11.07
N GLY A 62 -33.26 -10.31 9.96
CA GLY A 62 -33.08 -11.02 8.70
C GLY A 62 -33.98 -10.53 7.57
N SER A 63 -34.23 -9.21 7.54
CA SER A 63 -35.06 -8.63 6.50
C SER A 63 -34.48 -8.92 5.11
N ASN A 64 -33.15 -9.01 5.03
CA ASN A 64 -32.44 -9.15 3.75
C ASN A 64 -31.91 -10.57 3.56
N SER A 65 -32.55 -11.55 4.20
CA SER A 65 -32.15 -12.95 4.08
C SER A 65 -32.35 -13.42 2.64
N VAL A 66 -31.47 -14.31 2.20
CA VAL A 66 -31.63 -14.97 0.93
C VAL A 66 -32.94 -15.77 0.99
N TYR A 67 -33.78 -15.59 -0.01
CA TYR A 67 -34.95 -16.44 -0.18
C TYR A 67 -34.53 -17.78 -0.76
N GLU A 68 -34.73 -18.84 0.02
CA GLU A 68 -34.32 -20.19 -0.35
C GLU A 68 -35.35 -20.77 -1.32
N ARG A 69 -34.90 -21.07 -2.53
CA ARG A 69 -35.76 -21.78 -3.49
C ARG A 69 -34.89 -22.68 -4.36
N ASP A 70 -35.58 -23.50 -5.16
CA ASP A 70 -34.92 -24.42 -6.06
C ASP A 70 -34.38 -23.61 -7.24
N HIS A 71 -33.06 -23.50 -7.33
CA HIS A 71 -32.39 -22.88 -8.47
C HIS A 71 -31.78 -23.96 -9.37
N ALA A 72 -32.10 -23.90 -10.67
CA ALA A 72 -31.69 -24.99 -11.55
C ALA A 72 -30.17 -25.16 -11.52
N PHE A 73 -29.72 -26.41 -11.35
CA PHE A 73 -28.32 -26.78 -11.43
C PHE A 73 -27.54 -26.29 -10.20
N SER A 74 -28.25 -25.70 -9.24
CA SER A 74 -27.63 -25.37 -7.96
C SER A 74 -27.92 -26.49 -6.95
N GLY A 75 -26.91 -27.33 -6.69
CA GLY A 75 -27.09 -28.59 -5.97
C GLY A 75 -27.06 -28.44 -4.46
N ASN A 76 -27.21 -29.57 -3.74
CA ASN A 76 -27.63 -29.56 -2.36
C ASN A 76 -26.82 -30.57 -1.53
N PRO A 77 -26.55 -30.26 -0.25
CA PRO A 77 -25.87 -31.19 0.65
C PRO A 77 -26.66 -32.43 1.03
N THR A 78 -28.00 -32.39 0.86
CA THR A 78 -28.85 -33.55 1.10
C THR A 78 -29.70 -33.82 -0.13
N ALA A 79 -30.26 -35.05 -0.20
CA ALA A 79 -31.08 -35.46 -1.32
C ALA A 79 -32.40 -34.68 -1.39
N THR A 80 -33.02 -34.41 -0.24
CA THR A 80 -34.44 -34.09 -0.22
C THR A 80 -34.74 -32.60 -0.16
N ASN A 81 -33.74 -31.77 0.17
CA ASN A 81 -33.99 -30.34 0.25
C ASN A 81 -33.27 -29.64 -0.91
N ARG A 82 -34.04 -29.29 -1.95
CA ARG A 82 -33.52 -28.67 -3.15
C ARG A 82 -33.33 -27.15 -3.00
N THR A 83 -33.81 -26.57 -1.89
CA THR A 83 -33.86 -25.12 -1.74
C THR A 83 -32.62 -24.58 -1.03
N PHE A 84 -31.86 -25.46 -0.34
CA PHE A 84 -30.64 -25.02 0.30
C PHE A 84 -29.45 -25.39 -0.59
N SER A 85 -28.78 -24.36 -1.11
CA SER A 85 -27.65 -24.60 -2.01
C SER A 85 -26.51 -23.65 -1.67
N LEU A 86 -25.29 -24.18 -1.61
CA LEU A 86 -24.13 -23.31 -1.38
C LEU A 86 -23.81 -22.48 -2.62
N ASP A 87 -24.51 -22.78 -3.73
CA ASP A 87 -24.45 -22.01 -4.97
C ASP A 87 -25.22 -20.69 -4.84
N THR A 88 -26.13 -20.60 -3.85
CA THR A 88 -27.10 -19.50 -3.77
C THR A 88 -27.06 -18.76 -2.43
N GLN A 89 -26.41 -19.34 -1.42
CA GLN A 89 -26.23 -18.68 -0.12
C GLN A 89 -25.03 -17.72 -0.16
N ARG A 90 -25.17 -16.59 0.55
CA ARG A 90 -24.10 -15.62 0.73
C ARG A 90 -23.23 -16.08 1.89
N GLN A 91 -21.91 -16.09 1.66
CA GLN A 91 -20.94 -16.74 2.53
C GLN A 91 -19.74 -15.85 2.79
N ILE A 92 -18.82 -16.33 3.64
CA ILE A 92 -17.64 -15.55 4.02
C ILE A 92 -16.37 -16.29 3.63
N PHE A 93 -16.50 -17.53 3.14
CA PHE A 93 -15.39 -18.21 2.48
C PHE A 93 -16.01 -19.17 1.48
N GLY A 94 -15.26 -19.52 0.42
CA GLY A 94 -15.78 -20.28 -0.70
C GLY A 94 -15.03 -21.59 -0.89
N GLN A 95 -15.79 -22.68 -1.07
CA GLN A 95 -15.23 -23.99 -1.37
C GLN A 95 -15.79 -24.44 -2.72
N HIS A 96 -15.01 -25.31 -3.38
CA HIS A 96 -15.41 -25.90 -4.64
C HIS A 96 -15.75 -27.36 -4.41
N GLY A 97 -16.87 -27.84 -4.97
CA GLY A 97 -17.15 -29.26 -5.00
C GLY A 97 -18.33 -29.69 -4.15
N LEU A 98 -18.94 -28.74 -3.41
CA LEU A 98 -20.08 -28.99 -2.53
C LEU A 98 -21.35 -28.38 -3.10
N GLY A 99 -21.27 -27.84 -4.32
CA GLY A 99 -22.43 -27.25 -4.97
C GLY A 99 -22.24 -25.77 -5.30
N ASP A 100 -21.33 -25.09 -4.59
CA ASP A 100 -21.02 -23.71 -4.92
C ASP A 100 -20.05 -23.68 -6.09
N PHE A 101 -20.44 -23.00 -7.17
CA PHE A 101 -19.61 -22.93 -8.35
C PHE A 101 -18.95 -21.55 -8.51
N ARG A 102 -19.24 -20.64 -7.59
CA ARG A 102 -18.46 -19.40 -7.51
C ARG A 102 -16.99 -19.70 -7.19
N LYS A 103 -16.14 -18.79 -7.64
CA LYS A 103 -14.69 -18.88 -7.47
C LYS A 103 -14.37 -19.17 -6.00
N PRO A 104 -13.61 -20.24 -5.67
CA PRO A 104 -13.35 -20.57 -4.27
C PRO A 104 -12.19 -19.77 -3.67
N THR A 105 -12.16 -19.71 -2.33
CA THR A 105 -11.10 -19.00 -1.64
C THR A 105 -10.27 -19.92 -0.72
N ILE A 106 -10.74 -21.16 -0.47
CA ILE A 106 -9.92 -22.15 0.20
C ILE A 106 -10.00 -23.45 -0.60
N GLN A 107 -8.83 -24.01 -0.92
CA GLN A 107 -8.79 -25.27 -1.67
C GLN A 107 -7.56 -26.06 -1.24
N VAL A 108 -7.78 -27.24 -0.63
CA VAL A 108 -6.73 -28.01 0.03
C VAL A 108 -6.75 -29.43 -0.51
N GLN A 109 -5.59 -29.86 -1.06
CA GLN A 109 -5.42 -31.23 -1.54
C GLN A 109 -5.09 -32.12 -0.34
N HIS A 110 -5.80 -33.25 -0.24
CA HIS A 110 -5.51 -34.28 0.76
C HIS A 110 -5.93 -35.62 0.19
N SER A 111 -5.05 -36.62 0.31
CA SER A 111 -5.34 -37.93 -0.26
C SER A 111 -5.63 -37.74 -1.75
N VAL A 112 -6.77 -38.26 -2.23
CA VAL A 112 -7.01 -38.32 -3.67
C VAL A 112 -7.87 -37.15 -4.16
N THR A 113 -7.98 -36.09 -3.38
CA THR A 113 -8.98 -35.06 -3.65
C THR A 113 -8.51 -33.67 -3.21
N GLU A 114 -9.16 -32.62 -3.73
CA GLU A 114 -9.06 -31.29 -3.15
C GLU A 114 -10.44 -30.77 -2.75
N VAL A 115 -11.39 -31.68 -2.52
CA VAL A 115 -12.65 -31.38 -1.85
C VAL A 115 -12.41 -31.35 -0.34
N THR A 116 -12.75 -30.23 0.28
CA THR A 116 -12.92 -30.17 1.72
C THR A 116 -14.37 -29.81 1.99
N ASP A 117 -14.80 -30.05 3.23
CA ASP A 117 -16.10 -29.61 3.69
C ASP A 117 -15.95 -29.13 5.13
N PHE A 118 -15.43 -27.91 5.29
CA PHE A 118 -15.23 -27.33 6.60
C PHE A 118 -16.56 -26.87 7.19
N ARG A 119 -16.85 -27.39 8.38
CA ARG A 119 -18.08 -27.10 9.09
C ARG A 119 -17.72 -26.40 10.39
N PHE A 120 -18.53 -25.40 10.74
CA PHE A 120 -18.30 -24.64 11.96
C PHE A 120 -18.56 -25.56 13.15
N VAL A 121 -17.66 -25.47 14.15
CA VAL A 121 -17.75 -26.30 15.35
C VAL A 121 -17.90 -25.40 16.57
N GLU A 122 -17.13 -24.31 16.65
CA GLU A 122 -17.02 -23.57 17.90
C GLU A 122 -16.57 -22.14 17.63
N ALA A 123 -17.07 -21.18 18.42
CA ALA A 123 -16.61 -19.80 18.39
C ALA A 123 -15.96 -19.38 19.72
N LYS A 124 -14.87 -18.59 19.65
CA LYS A 124 -14.31 -17.90 20.79
C LYS A 124 -14.17 -16.41 20.47
N ILE A 125 -13.98 -15.60 21.51
CA ILE A 125 -13.66 -14.20 21.38
C ILE A 125 -12.34 -13.92 22.10
N LEU A 126 -11.40 -13.24 21.43
CA LEU A 126 -10.17 -12.75 22.04
C LEU A 126 -10.24 -11.24 22.23
N LYS A 127 -9.45 -10.74 23.19
CA LYS A 127 -9.28 -9.32 23.39
C LYS A 127 -7.84 -8.97 23.06
N GLY A 128 -7.62 -7.78 22.47
CA GLY A 128 -6.29 -7.22 22.27
C GLY A 128 -5.48 -7.90 21.16
N GLN A 129 -4.17 -7.72 21.24
CA GLN A 129 -3.19 -8.06 20.21
C GLN A 129 -3.40 -9.47 19.66
N ASN A 130 -3.33 -9.60 18.33
CA ASN A 130 -3.69 -10.84 17.67
C ASN A 130 -3.31 -10.67 16.21
N GLY A 131 -2.70 -11.70 15.61
CA GLY A 131 -2.32 -11.60 14.21
C GLY A 131 -1.48 -12.79 13.76
N PRO A 132 -1.31 -12.99 12.43
CA PRO A 132 -0.47 -14.07 11.94
C PRO A 132 0.98 -13.78 12.32
N GLN A 133 1.71 -14.84 12.70
CA GLN A 133 3.15 -14.76 12.96
C GLN A 133 3.88 -14.60 11.63
N GLY A 134 4.81 -13.64 11.57
CA GLY A 134 5.73 -13.52 10.46
C GLY A 134 5.15 -12.79 9.24
N LEU A 135 3.98 -12.17 9.41
CA LEU A 135 3.32 -11.39 8.37
C LEU A 135 2.88 -10.06 8.97
N PRO A 136 2.95 -8.93 8.23
CA PRO A 136 2.58 -7.64 8.79
C PRO A 136 1.09 -7.61 9.18
N SER A 137 0.83 -7.19 10.42
CA SER A 137 -0.53 -7.12 10.93
C SER A 137 -0.73 -5.85 11.75
N PRO A 138 -2.00 -5.44 12.01
CA PRO A 138 -2.27 -4.20 12.76
C PRO A 138 -1.59 -4.11 14.13
N HIS A 139 -1.24 -2.90 14.55
CA HIS A 139 -0.76 -2.66 15.90
C HIS A 139 -1.76 -1.75 16.63
N SER A 140 -1.46 -1.38 17.88
CA SER A 140 -2.34 -0.59 18.71
C SER A 140 -3.72 -1.25 18.82
N MET A 141 -3.74 -2.48 19.33
CA MET A 141 -4.92 -3.34 19.32
C MET A 141 -5.55 -3.52 20.71
N ASP A 142 -5.23 -2.63 21.65
CA ASP A 142 -5.77 -2.70 23.00
C ASP A 142 -7.30 -2.69 23.01
N ASP A 143 -7.91 -1.91 22.11
CA ASP A 143 -9.36 -1.74 22.14
C ASP A 143 -9.99 -2.52 21.00
N THR A 144 -9.49 -3.73 20.80
CA THR A 144 -10.04 -4.59 19.78
C THR A 144 -10.51 -5.89 20.41
N GLU A 145 -11.46 -6.55 19.71
CA GLU A 145 -11.81 -7.92 20.00
C GLU A 145 -11.79 -8.69 18.68
N THR A 146 -11.50 -9.99 18.78
CA THR A 146 -11.40 -10.84 17.61
C THR A 146 -12.36 -12.03 17.74
N LEU A 147 -13.22 -12.20 16.73
CA LEU A 147 -14.06 -13.38 16.65
C LEU A 147 -13.24 -14.54 16.09
N VAL A 148 -13.26 -15.68 16.78
CA VAL A 148 -12.51 -16.86 16.40
C VAL A 148 -13.51 -17.95 15.99
N LEU A 149 -13.62 -18.20 14.66
CA LEU A 149 -14.56 -19.20 14.16
C LEU A 149 -13.79 -20.48 13.80
N MET A 150 -13.97 -21.52 14.62
CA MET A 150 -13.27 -22.78 14.43
C MET A 150 -14.11 -23.75 13.59
N LEU A 151 -13.59 -24.07 12.39
CA LEU A 151 -14.22 -24.96 11.44
C LEU A 151 -13.40 -26.26 11.35
N GLU A 152 -14.06 -27.38 11.04
CA GLU A 152 -13.34 -28.64 10.90
C GLU A 152 -13.90 -29.43 9.73
N ASP A 153 -13.01 -30.10 9.02
CA ASP A 153 -13.42 -31.15 8.11
C ASP A 153 -13.05 -32.46 8.79
N SER A 154 -14.04 -33.14 9.36
CA SER A 154 -13.70 -34.30 10.16
C SER A 154 -13.06 -35.40 9.30
N LYS A 155 -13.56 -35.61 8.08
CA LYS A 155 -13.01 -36.67 7.25
C LYS A 155 -11.53 -36.40 6.94
N ALA A 156 -11.21 -35.19 6.47
CA ALA A 156 -9.84 -34.85 6.10
C ALA A 156 -8.96 -34.62 7.35
N GLN A 157 -9.58 -34.42 8.52
CA GLN A 157 -8.88 -34.08 9.75
C GLN A 157 -8.08 -32.78 9.57
N LEU A 158 -8.79 -31.76 9.12
CA LEU A 158 -8.21 -30.43 9.00
C LEU A 158 -9.07 -29.45 9.78
N SER A 159 -8.40 -28.44 10.37
CA SER A 159 -9.07 -27.33 11.00
C SER A 159 -8.81 -26.06 10.19
N LEU A 160 -9.86 -25.28 9.99
CA LEU A 160 -9.70 -23.95 9.41
C LEU A 160 -10.29 -22.97 10.41
N THR A 161 -9.48 -22.01 10.88
CA THR A 161 -9.92 -21.03 11.86
C THR A 161 -9.93 -19.64 11.22
N LEU A 162 -11.10 -18.99 11.26
CA LEU A 162 -11.25 -17.64 10.73
C LEU A 162 -11.22 -16.65 11.88
N TYR A 163 -10.52 -15.53 11.64
CA TYR A 163 -10.43 -14.44 12.60
C TYR A 163 -10.98 -13.17 11.97
N TYR A 164 -11.84 -12.46 12.73
CA TYR A 164 -12.37 -11.16 12.37
C TYR A 164 -12.18 -10.23 13.57
N THR A 165 -11.43 -9.13 13.36
CA THR A 165 -11.04 -8.19 14.41
C THR A 165 -11.76 -6.85 14.22
N THR A 166 -12.32 -6.35 15.34
CA THR A 166 -12.99 -5.06 15.41
C THR A 166 -11.98 -3.98 15.79
N PHE A 167 -12.32 -2.73 15.44
CA PHE A 167 -11.58 -1.55 15.87
C PHE A 167 -12.60 -0.53 16.38
N ASN A 168 -12.28 0.08 17.51
CA ASN A 168 -13.24 0.93 18.19
C ASN A 168 -13.19 2.34 17.60
N ASN A 169 -12.14 2.64 16.80
CA ASN A 169 -11.85 4.00 16.36
C ASN A 169 -11.79 4.11 14.83
N ASP A 170 -12.29 3.11 14.10
CA ASP A 170 -12.27 3.14 12.64
C ASP A 170 -13.32 2.16 12.11
N ALA A 171 -13.90 2.49 10.95
CA ALA A 171 -14.83 1.60 10.26
C ALA A 171 -14.07 0.57 9.42
N THR A 172 -13.27 -0.25 10.09
CA THR A 172 -12.47 -1.30 9.47
C THR A 172 -12.60 -2.56 10.31
N ILE A 173 -12.66 -3.70 9.61
CA ILE A 173 -12.57 -5.02 10.21
C ILE A 173 -11.38 -5.73 9.58
N ALA A 174 -10.56 -6.40 10.40
CA ALA A 174 -9.42 -7.15 9.87
C ALA A 174 -9.69 -8.65 9.91
N SER A 175 -9.12 -9.38 8.94
CA SER A 175 -9.39 -10.81 8.82
C SER A 175 -8.15 -11.54 8.36
N TYR A 176 -8.08 -12.82 8.75
CA TYR A 176 -7.08 -13.78 8.30
C TYR A 176 -7.53 -15.16 8.75
N SER A 177 -6.85 -16.20 8.28
CA SER A 177 -7.26 -17.55 8.63
C SER A 177 -6.04 -18.37 9.01
N LYS A 178 -6.28 -19.47 9.73
CA LYS A 178 -5.24 -20.45 10.04
C LYS A 178 -5.74 -21.85 9.70
N LEU A 179 -4.94 -22.57 8.91
CA LEU A 179 -5.29 -23.91 8.47
C LEU A 179 -4.35 -24.90 9.18
N ASP A 180 -4.92 -25.81 9.98
CA ASP A 180 -4.14 -26.83 10.67
C ASP A 180 -4.36 -28.19 10.02
N ASN A 181 -3.26 -28.90 9.79
CA ASN A 181 -3.25 -30.30 9.37
C ASN A 181 -3.21 -31.21 10.61
N ASN A 182 -4.36 -31.80 10.97
CA ASN A 182 -4.40 -32.66 12.13
C ASN A 182 -4.41 -34.12 11.69
N SER A 183 -4.11 -34.39 10.41
CA SER A 183 -4.13 -35.74 9.86
C SER A 183 -2.75 -36.36 10.02
N ASN A 184 -2.61 -37.60 9.54
CA ASN A 184 -1.31 -38.23 9.65
C ASN A 184 -0.65 -38.27 8.27
N GLN A 185 -1.13 -37.44 7.33
CA GLN A 185 -0.54 -37.37 6.00
C GLN A 185 -0.30 -35.92 5.60
N GLU A 186 0.62 -35.73 4.65
CA GLU A 186 0.90 -34.43 4.06
C GLU A 186 -0.33 -33.92 3.31
N VAL A 187 -0.60 -32.62 3.39
CA VAL A 187 -1.66 -32.01 2.60
C VAL A 187 -1.08 -30.78 1.91
N VAL A 188 -1.74 -30.33 0.84
CA VAL A 188 -1.23 -29.21 0.07
C VAL A 188 -2.33 -28.16 -0.10
N ILE A 189 -2.05 -26.94 0.38
CA ILE A 189 -2.90 -25.78 0.14
C ILE A 189 -2.63 -25.25 -1.26
N HIS A 190 -3.70 -25.15 -2.05
CA HIS A 190 -3.63 -24.62 -3.40
C HIS A 190 -4.13 -23.19 -3.47
N LYS A 191 -5.21 -22.89 -2.71
CA LYS A 191 -5.77 -21.55 -2.63
C LYS A 191 -6.15 -21.26 -1.17
N ASP A 192 -5.92 -20.02 -0.74
CA ASP A 192 -6.20 -19.62 0.63
C ASP A 192 -6.17 -18.09 0.67
N PHE A 193 -7.32 -17.46 0.37
CA PHE A 193 -7.44 -16.01 0.36
C PHE A 193 -7.66 -15.51 1.79
N SER A 194 -7.60 -14.19 1.99
CA SER A 194 -7.63 -13.64 3.34
C SER A 194 -8.97 -13.04 3.71
N PHE A 195 -9.81 -12.75 2.70
CA PHE A 195 -11.16 -12.25 2.95
C PHE A 195 -12.01 -12.44 1.70
N MET A 196 -13.29 -12.76 1.93
CA MET A 196 -14.27 -12.92 0.89
C MET A 196 -15.59 -12.41 1.43
N ALA A 197 -16.40 -11.78 0.56
CA ALA A 197 -17.77 -11.49 0.93
C ALA A 197 -18.67 -11.59 -0.29
N ASP A 198 -19.84 -12.22 -0.07
CA ASP A 198 -20.91 -12.30 -1.05
C ASP A 198 -21.89 -11.16 -0.76
N PHE A 199 -22.01 -10.24 -1.74
CA PHE A 199 -22.86 -9.07 -1.64
C PHE A 199 -24.12 -9.31 -2.45
N PRO A 200 -25.29 -8.77 -2.03
CA PRO A 200 -26.55 -9.02 -2.73
C PRO A 200 -26.54 -8.42 -4.13
N ALA A 201 -27.24 -9.10 -5.05
CA ALA A 201 -27.47 -8.56 -6.38
C ALA A 201 -27.97 -7.12 -6.30
N ALA A 202 -27.29 -6.25 -7.07
CA ALA A 202 -27.55 -4.82 -7.19
C ALA A 202 -26.57 -4.29 -8.22
N ASP A 203 -26.72 -3.02 -8.61
CA ASP A 203 -25.80 -2.38 -9.52
C ASP A 203 -24.57 -1.96 -8.71
N TYR A 204 -23.37 -2.32 -9.17
CA TYR A 204 -22.17 -1.84 -8.50
C TYR A 204 -21.15 -1.32 -9.50
N GLU A 205 -20.28 -0.46 -8.98
CA GLU A 205 -19.07 -0.09 -9.69
C GLU A 205 -17.87 -0.53 -8.86
N ILE A 206 -16.72 -0.69 -9.53
CA ILE A 206 -15.52 -0.96 -8.77
C ILE A 206 -14.50 0.13 -9.07
N VAL A 207 -13.71 0.46 -8.06
CA VAL A 207 -12.56 1.34 -8.21
C VAL A 207 -11.31 0.56 -7.83
N THR A 208 -10.27 0.62 -8.69
CA THR A 208 -8.98 0.02 -8.41
C THR A 208 -7.87 1.02 -8.72
N LEU A 209 -6.67 0.70 -8.24
CA LEU A 209 -5.47 1.47 -8.47
C LEU A 209 -4.55 0.56 -9.29
N GLN A 210 -4.32 0.97 -10.54
CA GLN A 210 -3.53 0.14 -11.43
C GLN A 210 -2.39 1.00 -11.99
N GLY A 211 -2.30 1.09 -13.31
CA GLY A 211 -1.30 1.95 -13.92
C GLY A 211 -0.09 1.16 -14.40
N ALA A 212 1.11 1.74 -14.20
CA ALA A 212 2.35 1.20 -14.73
C ALA A 212 3.53 1.90 -14.07
N TYR A 213 4.74 1.37 -14.28
CA TYR A 213 5.94 2.10 -13.93
C TYR A 213 5.84 3.50 -14.52
N ALA A 214 6.21 4.50 -13.69
CA ALA A 214 6.16 5.91 -14.03
C ALA A 214 4.73 6.40 -14.26
N ARG A 215 3.74 5.51 -13.97
CA ARG A 215 2.32 5.81 -14.02
C ARG A 215 1.57 5.10 -12.89
N GLU A 216 2.16 5.05 -11.68
CA GLU A 216 1.69 4.20 -10.61
C GLU A 216 0.32 4.64 -10.12
N LYS A 217 -0.51 3.65 -9.71
CA LYS A 217 -1.70 3.86 -8.90
C LYS A 217 -2.75 4.62 -9.70
N THR A 218 -2.80 4.36 -11.00
CA THR A 218 -3.80 5.02 -11.83
C THR A 218 -5.17 4.56 -11.39
N VAL A 219 -6.03 5.52 -11.05
CA VAL A 219 -7.35 5.24 -10.51
C VAL A 219 -8.26 4.75 -11.63
N ARG A 220 -8.77 3.52 -11.53
CA ARG A 220 -9.67 2.99 -12.54
C ARG A 220 -11.03 2.79 -11.90
N ARG A 221 -12.07 3.16 -12.65
CA ARG A 221 -13.45 2.93 -12.24
C ARG A 221 -14.20 2.25 -13.38
N GLN A 222 -14.96 1.21 -13.07
CA GLN A 222 -15.79 0.58 -14.08
C GLN A 222 -17.00 -0.08 -13.44
N GLN A 223 -17.98 -0.43 -14.28
CA GLN A 223 -19.20 -1.10 -13.89
C GLN A 223 -18.90 -2.58 -13.65
N VAL A 224 -19.58 -3.18 -12.65
CA VAL A 224 -19.48 -4.61 -12.44
C VAL A 224 -20.33 -5.31 -13.50
N GLU A 225 -19.73 -6.30 -14.20
CA GLU A 225 -20.44 -7.03 -15.25
C GLU A 225 -20.42 -8.52 -14.93
N GLN A 226 -21.39 -9.23 -15.52
CA GLN A 226 -21.40 -10.67 -15.39
C GLN A 226 -20.06 -11.24 -15.87
N GLY A 227 -19.55 -12.21 -15.13
CA GLY A 227 -18.23 -12.78 -15.31
C GLY A 227 -17.33 -12.41 -14.14
N ILE A 228 -16.02 -12.52 -14.36
CA ILE A 228 -15.04 -12.33 -13.31
C ILE A 228 -14.09 -11.24 -13.78
N PHE A 229 -13.92 -10.22 -12.94
CA PHE A 229 -12.86 -9.23 -13.14
C PHE A 229 -11.79 -9.42 -12.05
N SER A 230 -10.51 -9.41 -12.43
CA SER A 230 -9.44 -9.54 -11.45
C SER A 230 -8.28 -8.60 -11.77
N ILE A 231 -7.62 -8.16 -10.70
CA ILE A 231 -6.26 -7.64 -10.75
C ILE A 231 -5.40 -8.56 -9.90
N SER A 232 -4.13 -8.69 -10.30
CA SER A 232 -3.26 -9.65 -9.66
C SER A 232 -1.81 -9.36 -10.02
N SER A 233 -0.91 -9.84 -9.17
CA SER A 233 0.49 -9.83 -9.47
C SER A 233 0.99 -11.27 -9.42
N ASN A 234 1.78 -11.64 -10.42
CA ASN A 234 2.54 -12.88 -10.37
C ASN A 234 4.02 -12.53 -10.45
N ARG A 235 4.39 -11.34 -9.99
CA ARG A 235 5.74 -10.80 -10.17
C ARG A 235 6.63 -11.03 -8.95
N GLY A 236 6.06 -11.52 -7.84
CA GLY A 236 6.83 -11.74 -6.63
C GLY A 236 6.81 -10.54 -5.68
N ALA A 237 6.32 -9.40 -6.23
CA ALA A 237 6.05 -8.15 -5.56
C ALA A 237 4.66 -7.69 -6.01
N SER A 238 3.97 -6.91 -5.17
CA SER A 238 2.64 -6.44 -5.53
C SER A 238 2.62 -5.72 -6.88
N GLY A 239 3.66 -4.92 -7.20
CA GLY A 239 3.89 -4.44 -8.55
C GLY A 239 3.47 -2.99 -8.79
N HIS A 240 3.99 -2.40 -9.88
CA HIS A 240 3.67 -1.04 -10.29
C HIS A 240 2.24 -0.90 -10.82
N ALA A 241 1.72 -1.98 -11.40
CA ALA A 241 0.58 -1.95 -12.30
C ALA A 241 -0.71 -2.34 -11.58
N GLN A 242 -0.59 -2.77 -10.32
CA GLN A 242 -1.77 -3.08 -9.53
C GLN A 242 -1.43 -2.99 -8.04
N THR A 243 -2.41 -2.49 -7.27
CA THR A 243 -2.32 -2.32 -5.83
C THR A 243 -3.27 -3.33 -5.17
N PRO A 244 -2.93 -3.92 -4.00
CA PRO A 244 -3.82 -4.89 -3.36
C PRO A 244 -4.99 -4.15 -2.70
N ALA A 245 -5.93 -3.71 -3.54
CA ALA A 245 -7.10 -2.95 -3.12
C ALA A 245 -8.21 -3.15 -4.13
N LEU A 246 -9.45 -3.21 -3.62
CA LEU A 246 -10.60 -3.24 -4.50
C LEU A 246 -11.77 -2.58 -3.76
N LEU A 247 -12.38 -1.59 -4.42
CA LEU A 247 -13.45 -0.83 -3.80
C LEU A 247 -14.73 -1.16 -4.54
N LEU A 248 -15.67 -1.77 -3.79
CA LEU A 248 -16.98 -2.08 -4.33
C LEU A 248 -17.92 -0.96 -3.88
N CYS A 249 -18.50 -0.26 -4.87
CA CYS A 249 -19.17 1.01 -4.68
C CYS A 249 -20.62 0.90 -5.14
N GLU A 250 -21.50 1.53 -4.35
CA GLU A 250 -22.86 1.82 -4.74
C GLU A 250 -22.86 2.54 -6.09
N GLN A 251 -23.79 2.12 -6.96
CA GLN A 251 -23.95 2.78 -8.25
C GLN A 251 -23.98 4.29 -8.04
N GLY A 252 -23.17 5.02 -8.81
CA GLY A 252 -23.26 6.47 -8.84
C GLY A 252 -22.54 7.15 -7.67
N VAL A 253 -21.66 6.43 -6.97
CA VAL A 253 -20.91 7.01 -5.85
C VAL A 253 -20.17 8.24 -6.37
N THR A 254 -20.04 9.27 -5.52
CA THR A 254 -19.26 10.46 -5.82
C THR A 254 -18.16 10.65 -4.75
N GLU A 255 -17.44 11.77 -4.83
CA GLU A 255 -16.46 12.10 -3.79
C GLU A 255 -17.15 12.26 -2.43
N ASP A 256 -18.36 12.83 -2.41
CA ASP A 256 -19.01 13.18 -1.15
C ASP A 256 -20.12 12.19 -0.73
N ALA A 257 -20.65 11.37 -1.64
CA ALA A 257 -21.82 10.59 -1.27
C ALA A 257 -21.80 9.17 -1.82
N GLY A 258 -22.43 8.26 -1.06
CA GLY A 258 -22.64 6.87 -1.43
C GLY A 258 -21.76 5.87 -0.65
N ASN A 259 -22.17 4.60 -0.69
CA ASN A 259 -21.55 3.52 0.03
C ASN A 259 -20.34 2.97 -0.73
N VAL A 260 -19.23 2.81 0.00
CA VAL A 260 -18.02 2.18 -0.54
C VAL A 260 -17.51 1.14 0.45
N PHE A 261 -17.19 -0.05 -0.06
CA PHE A 261 -16.46 -1.06 0.67
C PHE A 261 -15.09 -1.25 0.04
N ALA A 262 -14.02 -0.91 0.79
CA ALA A 262 -12.65 -1.17 0.36
C ALA A 262 -12.13 -2.45 1.02
N ILE A 263 -11.69 -3.41 0.19
CA ILE A 263 -11.00 -4.59 0.68
C ILE A 263 -9.52 -4.45 0.28
N GLN A 264 -8.61 -4.66 1.23
CA GLN A 264 -7.20 -4.40 1.01
C GLN A 264 -6.38 -5.53 1.64
N LEU A 265 -5.13 -5.75 1.17
CA LEU A 265 -4.30 -6.83 1.67
C LEU A 265 -2.98 -6.29 2.21
N MET A 266 -2.65 -6.66 3.45
CA MET A 266 -1.36 -6.35 4.03
C MET A 266 -0.34 -7.39 3.55
N TYR A 267 0.07 -7.26 2.29
CA TYR A 267 0.99 -8.23 1.71
C TYR A 267 1.66 -7.58 0.53
N SER A 268 2.94 -7.93 0.30
CA SER A 268 3.77 -7.23 -0.65
C SER A 268 4.25 -8.16 -1.76
N GLY A 269 3.81 -9.43 -1.71
CA GLY A 269 4.13 -10.40 -2.74
C GLY A 269 3.02 -10.55 -3.77
N ASN A 270 2.83 -11.78 -4.27
CA ASN A 270 1.81 -12.05 -5.28
C ASN A 270 0.43 -12.04 -4.63
N PHE A 271 -0.50 -11.30 -5.24
CA PHE A 271 -1.85 -11.26 -4.68
C PHE A 271 -2.85 -11.39 -5.81
N GLU A 272 -4.10 -11.68 -5.46
CA GLU A 272 -5.22 -11.51 -6.38
C GLU A 272 -6.39 -10.86 -5.66
N ALA A 273 -7.04 -9.91 -6.35
CA ALA A 273 -8.33 -9.38 -5.95
C ALA A 273 -9.32 -9.60 -7.10
N PHE A 274 -10.52 -10.14 -6.82
CA PHE A 274 -11.50 -10.40 -7.87
C PHE A 274 -12.91 -9.97 -7.49
N VAL A 275 -13.71 -9.65 -8.52
CA VAL A 275 -15.14 -9.48 -8.38
C VAL A 275 -15.76 -10.41 -9.40
N GLN A 276 -16.64 -11.27 -8.90
CA GLN A 276 -17.39 -12.17 -9.77
C GLN A 276 -18.88 -11.84 -9.59
N LYS A 277 -19.53 -11.65 -10.73
CA LYS A 277 -20.97 -11.56 -10.76
C LYS A 277 -21.45 -12.81 -11.48
N ASN A 278 -22.26 -13.61 -10.77
CA ASN A 278 -22.63 -14.94 -11.20
C ASN A 278 -23.96 -14.91 -11.98
N GLN A 279 -24.54 -16.10 -12.22
CA GLN A 279 -25.71 -16.30 -13.07
C GLN A 279 -26.97 -15.64 -12.49
N LEU A 280 -27.00 -15.40 -11.18
CA LEU A 280 -28.17 -14.86 -10.51
C LEU A 280 -28.01 -13.37 -10.27
N ASN A 281 -26.84 -12.80 -10.67
CA ASN A 281 -26.51 -11.39 -10.50
C ASN A 281 -25.87 -11.10 -9.15
N GLU A 282 -25.62 -12.15 -8.34
CA GLU A 282 -24.93 -12.02 -7.07
C GLU A 282 -23.47 -11.65 -7.32
N VAL A 283 -22.82 -11.05 -6.32
CA VAL A 283 -21.48 -10.49 -6.46
C VAL A 283 -20.57 -10.98 -5.34
N ARG A 284 -19.46 -11.62 -5.72
CA ARG A 284 -18.48 -12.09 -4.75
C ARG A 284 -17.21 -11.26 -4.92
N VAL A 285 -16.62 -10.78 -3.82
CA VAL A 285 -15.32 -10.13 -3.86
C VAL A 285 -14.40 -10.85 -2.87
N ALA A 286 -13.12 -10.93 -3.23
CA ALA A 286 -12.13 -11.59 -2.38
C ALA A 286 -10.76 -11.00 -2.69
N ILE A 287 -9.86 -11.06 -1.70
CA ILE A 287 -8.46 -10.67 -1.83
C ILE A 287 -7.60 -11.64 -1.01
N GLY A 288 -6.41 -11.94 -1.53
CA GLY A 288 -5.44 -12.75 -0.83
C GLY A 288 -4.20 -13.05 -1.67
N ILE A 289 -3.40 -13.99 -1.16
CA ILE A 289 -2.27 -14.53 -1.90
C ILE A 289 -2.78 -15.06 -3.23
N ASN A 290 -2.07 -14.74 -4.31
CA ASN A 290 -2.40 -15.23 -5.63
C ASN A 290 -2.24 -16.75 -5.65
N PRO A 291 -3.25 -17.52 -6.15
CA PRO A 291 -3.06 -18.95 -6.42
C PRO A 291 -1.89 -19.25 -7.35
N GLU A 292 -1.61 -18.34 -8.30
CA GLU A 292 -0.46 -18.49 -9.19
C GLU A 292 0.84 -18.38 -8.40
N ASN A 293 1.75 -19.34 -8.63
CA ASN A 293 3.08 -19.38 -8.01
C ASN A 293 3.00 -19.71 -6.52
N PHE A 294 1.92 -20.40 -6.12
CA PHE A 294 1.67 -20.72 -4.73
C PHE A 294 1.06 -22.11 -4.56
N SER A 295 1.70 -22.89 -3.70
CA SER A 295 1.21 -24.11 -3.08
C SER A 295 1.87 -24.15 -1.70
N TRP A 296 1.23 -24.79 -0.73
CA TRP A 296 1.82 -24.87 0.59
C TRP A 296 1.60 -26.26 1.17
N LYS A 297 2.71 -27.02 1.25
CA LYS A 297 2.83 -28.30 1.92
C LYS A 297 2.67 -28.12 3.43
N LEU A 298 1.82 -28.97 4.04
CA LEU A 298 1.70 -29.06 5.48
C LEU A 298 1.88 -30.52 5.90
N ALA A 299 2.98 -30.80 6.62
CA ALA A 299 3.17 -32.09 7.24
C ALA A 299 2.24 -32.20 8.46
N PRO A 300 2.00 -33.42 9.01
CA PRO A 300 1.16 -33.57 10.20
C PRO A 300 1.54 -32.55 11.27
N GLU A 301 0.51 -31.88 11.79
CA GLU A 301 0.60 -30.93 12.88
C GLU A 301 1.11 -29.56 12.43
N GLU A 302 1.51 -29.39 11.17
CA GLU A 302 1.89 -28.05 10.70
C GLU A 302 0.63 -27.20 10.45
N TYR A 303 0.81 -25.88 10.41
CA TYR A 303 -0.31 -25.00 10.08
C TYR A 303 0.16 -23.89 9.14
N PHE A 304 -0.81 -23.16 8.56
CA PHE A 304 -0.56 -22.04 7.66
C PHE A 304 -1.52 -20.89 7.97
N GLU A 305 -0.96 -19.68 8.13
CA GLU A 305 -1.72 -18.46 8.35
C GLU A 305 -1.59 -17.54 7.14
N THR A 306 -2.72 -16.99 6.70
CA THR A 306 -2.78 -16.09 5.56
C THR A 306 -2.41 -14.68 6.01
N PRO A 307 -1.98 -13.78 5.09
CA PRO A 307 -1.84 -12.35 5.41
C PRO A 307 -3.16 -11.72 5.85
N VAL A 308 -3.06 -10.56 6.50
CA VAL A 308 -4.23 -9.85 6.99
C VAL A 308 -4.87 -9.11 5.82
N ALA A 309 -6.19 -9.29 5.70
CA ALA A 309 -7.03 -8.49 4.83
C ALA A 309 -7.81 -7.51 5.70
N LEU A 310 -8.17 -6.37 5.08
CA LEU A 310 -8.95 -5.34 5.75
C LEU A 310 -10.20 -5.09 4.91
N VAL A 311 -11.34 -4.93 5.58
CA VAL A 311 -12.52 -4.40 4.92
C VAL A 311 -12.95 -3.12 5.64
N THR A 312 -13.03 -2.04 4.86
CA THR A 312 -13.29 -0.70 5.38
C THR A 312 -14.54 -0.14 4.70
N HIS A 313 -15.31 0.65 5.47
CA HIS A 313 -16.58 1.12 4.94
C HIS A 313 -16.74 2.63 5.13
N SER A 314 -17.39 3.24 4.14
CA SER A 314 -17.88 4.60 4.29
C SER A 314 -19.21 4.75 3.58
N ASP A 315 -20.06 5.64 4.09
CA ASP A 315 -21.22 6.07 3.33
C ASP A 315 -21.04 7.53 2.94
N GLN A 316 -19.80 8.03 2.97
CA GLN A 316 -19.55 9.42 2.57
C GLN A 316 -18.73 9.43 1.28
N GLY A 317 -19.02 8.50 0.38
CA GLY A 317 -18.41 8.51 -0.94
C GLY A 317 -16.92 8.20 -0.90
N LEU A 318 -16.23 8.62 -1.97
CA LEU A 318 -14.83 8.28 -2.22
C LEU A 318 -13.91 9.09 -1.30
N THR A 319 -14.28 10.32 -0.96
CA THR A 319 -13.49 11.01 0.07
C THR A 319 -13.64 10.28 1.41
N GLY A 320 -14.86 9.81 1.70
CA GLY A 320 -15.12 9.10 2.94
C GLY A 320 -14.27 7.83 3.06
N ILE A 321 -14.18 7.06 1.96
CA ILE A 321 -13.37 5.85 2.02
C ILE A 321 -11.88 6.21 2.13
N SER A 322 -11.46 7.29 1.46
CA SER A 322 -10.06 7.73 1.56
C SER A 322 -9.74 7.99 3.04
N HIS A 323 -10.59 8.80 3.69
CA HIS A 323 -10.34 9.19 5.07
C HIS A 323 -10.32 7.97 5.99
N GLU A 324 -11.27 7.04 5.79
CA GLU A 324 -11.34 5.85 6.63
C GLU A 324 -10.06 5.04 6.47
N SER A 325 -9.62 4.91 5.22
CA SER A 325 -8.50 4.04 4.97
C SER A 325 -7.20 4.69 5.47
N GLN A 326 -7.05 5.99 5.18
CA GLN A 326 -5.91 6.76 5.66
C GLN A 326 -5.81 6.70 7.20
N ASN A 327 -6.94 6.95 7.88
CA ASN A 327 -6.98 6.99 9.33
C ASN A 327 -6.53 5.64 9.89
N PHE A 328 -7.03 4.55 9.27
CA PHE A 328 -6.73 3.23 9.77
C PHE A 328 -5.24 2.93 9.60
N VAL A 329 -4.69 3.32 8.44
CA VAL A 329 -3.28 3.17 8.20
C VAL A 329 -2.48 3.91 9.28
N LEU A 330 -2.88 5.16 9.57
CA LEU A 330 -2.08 6.04 10.41
C LEU A 330 -2.03 5.49 11.84
N LYS A 331 -3.12 4.86 12.27
CA LYS A 331 -3.30 4.51 13.68
C LYS A 331 -2.92 3.05 13.92
N HIS A 332 -3.06 2.18 12.92
CA HIS A 332 -2.94 0.77 13.21
C HIS A 332 -1.96 0.08 12.30
N ILE A 333 -1.35 0.81 11.34
CA ILE A 333 -0.40 0.17 10.44
C ILE A 333 0.95 0.86 10.49
N MET A 334 1.00 2.13 10.07
CA MET A 334 2.26 2.84 10.03
C MET A 334 2.83 2.86 11.46
N LEU A 335 4.16 2.70 11.57
CA LEU A 335 4.87 2.72 12.85
C LEU A 335 4.48 3.96 13.64
N SER A 336 4.07 3.78 14.90
CA SER A 336 3.72 4.84 15.84
C SER A 336 4.82 5.88 15.97
N GLU A 337 6.07 5.43 15.95
CA GLU A 337 7.21 6.31 16.03
C GLU A 337 7.16 7.37 14.91
N PHE A 338 6.42 7.10 13.83
CA PHE A 338 6.54 8.00 12.69
C PHE A 338 5.21 8.56 12.19
N SER A 339 4.09 7.91 12.56
CA SER A 339 2.79 8.18 11.96
C SER A 339 2.35 9.63 12.15
N LYS A 340 2.85 10.31 13.19
CA LYS A 340 2.48 11.69 13.40
C LYS A 340 3.71 12.57 13.58
N LYS A 341 4.82 12.14 12.98
CA LYS A 341 6.08 12.84 13.06
C LYS A 341 6.37 13.49 11.70
N GLU A 342 6.55 14.82 11.71
CA GLU A 342 6.95 15.52 10.49
C GLU A 342 8.21 14.86 9.92
N ARG A 343 8.22 14.69 8.60
CA ARG A 343 9.31 13.99 7.91
C ARG A 343 10.29 15.03 7.38
N PRO A 344 11.61 14.73 7.40
CA PRO A 344 12.60 15.72 6.96
C PRO A 344 12.57 16.00 5.46
N ILE A 345 12.80 17.28 5.11
CA ILE A 345 12.98 17.67 3.72
C ILE A 345 14.37 17.22 3.31
N LEU A 346 14.44 16.39 2.27
CA LEU A 346 15.70 15.77 1.91
C LEU A 346 16.20 16.28 0.55
N ILE A 347 17.50 16.09 0.31
CA ILE A 347 18.10 16.11 -1.00
C ILE A 347 18.55 14.69 -1.26
N ASN A 348 18.31 14.21 -2.48
CA ASN A 348 18.77 12.91 -2.92
C ASN A 348 19.54 13.17 -4.21
N ASN A 349 20.68 12.50 -4.38
CA ASN A 349 21.60 12.83 -5.46
C ASN A 349 21.33 12.04 -6.75
N TRP A 350 20.39 11.07 -6.73
CA TRP A 350 20.22 10.13 -7.84
C TRP A 350 20.08 10.84 -9.19
N GLU A 351 19.01 11.63 -9.38
CA GLU A 351 18.80 12.32 -10.66
C GLU A 351 19.92 13.36 -10.84
N ALA A 352 20.51 13.77 -9.71
CA ALA A 352 21.48 14.85 -9.69
C ALA A 352 22.81 14.41 -10.30
N THR A 353 23.27 13.18 -10.01
CA THR A 353 24.60 12.77 -10.42
C THR A 353 24.62 11.36 -11.03
N TYR A 354 23.52 10.61 -10.88
CA TYR A 354 23.56 9.18 -11.14
C TYR A 354 24.78 8.58 -10.43
N PHE A 355 25.54 7.73 -11.15
CA PHE A 355 26.65 6.97 -10.58
C PHE A 355 27.90 7.83 -10.45
N ASP A 356 27.89 9.00 -11.11
CA ASP A 356 29.09 9.82 -11.30
C ASP A 356 29.21 10.88 -10.20
N PHE A 357 29.78 10.48 -9.06
CA PHE A 357 29.98 11.38 -7.94
C PHE A 357 31.25 10.96 -7.21
N GLN A 358 31.76 11.84 -6.34
CA GLN A 358 32.74 11.46 -5.33
C GLN A 358 32.64 12.45 -4.17
N ARG A 359 33.58 12.40 -3.22
CA ARG A 359 33.43 13.08 -1.95
C ARG A 359 33.20 14.58 -2.17
N GLU A 360 34.09 15.20 -2.95
CA GLU A 360 34.02 16.61 -3.27
C GLU A 360 32.60 17.00 -3.68
N LYS A 361 32.10 16.38 -4.76
CA LYS A 361 30.78 16.64 -5.31
C LYS A 361 29.72 16.52 -4.23
N LEU A 362 29.77 15.43 -3.44
CA LEU A 362 28.77 15.15 -2.42
C LEU A 362 28.72 16.29 -1.40
N LEU A 363 29.89 16.73 -0.88
CA LEU A 363 29.94 17.73 0.18
C LEU A 363 29.58 19.12 -0.35
N GLU A 364 29.86 19.36 -1.63
CA GLU A 364 29.41 20.60 -2.26
C GLU A 364 27.88 20.59 -2.39
N LEU A 365 27.31 19.46 -2.80
CA LEU A 365 25.86 19.32 -2.84
C LEU A 365 25.30 19.57 -1.44
N ALA A 366 25.95 18.97 -0.44
CA ALA A 366 25.53 19.08 0.94
C ALA A 366 25.56 20.53 1.43
N ASP A 367 26.60 21.28 1.04
CA ASP A 367 26.72 22.69 1.41
C ASP A 367 25.51 23.46 0.86
N GLU A 368 25.19 23.24 -0.41
CA GLU A 368 24.13 23.98 -1.06
C GLU A 368 22.78 23.60 -0.44
N ALA A 369 22.62 22.30 -0.10
CA ALA A 369 21.40 21.83 0.52
C ALA A 369 21.16 22.55 1.85
N LYS A 370 22.23 22.71 2.63
CA LYS A 370 22.12 23.35 3.94
C LYS A 370 21.73 24.82 3.77
N LYS A 371 22.35 25.50 2.79
CA LYS A 371 22.07 26.91 2.52
C LYS A 371 20.59 27.13 2.19
N VAL A 372 19.95 26.16 1.52
CA VAL A 372 18.56 26.36 1.15
C VAL A 372 17.64 25.82 2.24
N GLY A 373 18.22 25.20 3.28
CA GLY A 373 17.46 24.85 4.46
C GLY A 373 16.95 23.41 4.45
N ILE A 374 17.48 22.60 3.53
CA ILE A 374 17.21 21.16 3.48
C ILE A 374 17.75 20.51 4.75
N GLU A 375 17.13 19.40 5.18
CA GLU A 375 17.31 18.87 6.52
C GLU A 375 18.09 17.56 6.50
N LEU A 376 17.96 16.80 5.42
CA LEU A 376 18.51 15.46 5.31
C LEU A 376 19.17 15.29 3.95
N PHE A 377 20.32 14.62 3.96
CA PHE A 377 21.09 14.35 2.76
C PHE A 377 21.12 12.84 2.53
N VAL A 378 20.61 12.40 1.37
CA VAL A 378 20.52 10.98 1.05
C VAL A 378 21.53 10.67 -0.06
N LEU A 379 22.46 9.78 0.28
CA LEU A 379 23.41 9.21 -0.66
C LEU A 379 22.75 7.99 -1.33
N ASP A 380 22.52 8.10 -2.65
CA ASP A 380 21.80 7.07 -3.39
C ASP A 380 22.76 6.00 -3.90
N ASP A 381 22.32 5.28 -4.96
CA ASP A 381 22.99 4.12 -5.54
C ASP A 381 24.41 4.51 -5.94
N GLY A 382 25.36 3.57 -5.79
CA GLY A 382 26.70 3.74 -6.35
C GLY A 382 27.84 3.89 -5.33
N TRP A 383 27.57 3.76 -4.03
CA TRP A 383 28.57 4.00 -3.00
C TRP A 383 29.28 2.71 -2.58
N PHE A 384 28.84 1.56 -3.10
CA PHE A 384 29.26 0.27 -2.58
C PHE A 384 30.00 -0.50 -3.68
N GLY A 385 30.86 -1.44 -3.25
CA GLY A 385 31.54 -2.37 -4.13
C GLY A 385 32.11 -1.67 -5.36
N ASN A 386 31.75 -2.20 -6.53
CA ASN A 386 32.30 -1.81 -7.82
C ASN A 386 31.23 -1.07 -8.63
N ARG A 387 30.33 -0.34 -7.95
CA ARG A 387 29.06 0.06 -8.56
C ARG A 387 29.20 1.40 -9.29
N PHE A 388 29.87 1.39 -10.45
CA PHE A 388 30.07 2.59 -11.25
C PHE A 388 28.96 2.73 -12.30
N ASP A 389 28.18 1.66 -12.49
CA ASP A 389 27.00 1.64 -13.33
C ASP A 389 26.01 0.61 -12.75
N ASP A 390 24.98 0.25 -13.53
CA ASP A 390 23.94 -0.63 -13.01
C ASP A 390 24.11 -2.04 -13.58
N ASN A 391 25.36 -2.43 -13.82
CA ASN A 391 25.68 -3.72 -14.43
C ASN A 391 26.44 -4.64 -13.50
N ARG A 392 26.67 -4.23 -12.23
CA ARG A 392 27.49 -5.04 -11.34
C ARG A 392 27.30 -4.64 -9.88
N ALA A 393 27.93 -5.41 -8.98
CA ALA A 393 28.21 -5.07 -7.58
C ALA A 393 27.03 -5.25 -6.60
N LEU A 394 25.79 -5.49 -7.07
CA LEU A 394 24.72 -5.73 -6.10
C LEU A 394 25.02 -7.02 -5.34
N GLY A 395 24.90 -6.98 -4.00
CA GLY A 395 25.33 -8.09 -3.19
C GLY A 395 26.59 -7.77 -2.38
N ASP A 396 27.35 -6.75 -2.84
CA ASP A 396 28.61 -6.37 -2.22
C ASP A 396 28.41 -5.06 -1.44
N TRP A 397 27.89 -5.18 -0.22
CA TRP A 397 27.52 -4.00 0.56
C TRP A 397 28.74 -3.45 1.30
N VAL A 398 29.86 -3.37 0.58
CA VAL A 398 31.15 -2.92 1.11
C VAL A 398 31.41 -1.49 0.62
N VAL A 399 31.72 -0.59 1.56
CA VAL A 399 31.90 0.82 1.26
C VAL A 399 33.06 1.01 0.28
N ASN A 400 32.80 1.76 -0.79
CA ASN A 400 33.84 2.16 -1.74
C ASN A 400 34.52 3.40 -1.17
N GLU A 401 35.57 3.20 -0.37
CA GLU A 401 36.25 4.30 0.33
C GLU A 401 36.94 5.23 -0.66
N GLU A 402 37.41 4.68 -1.79
CA GLU A 402 38.06 5.50 -2.79
C GLU A 402 37.08 6.56 -3.30
N LYS A 403 35.85 6.12 -3.61
CA LYS A 403 34.86 6.99 -4.20
C LYS A 403 34.33 7.97 -3.16
N LEU A 404 34.13 7.49 -1.92
CA LEU A 404 33.60 8.33 -0.85
C LEU A 404 34.73 9.15 -0.21
N GLY A 405 35.97 8.98 -0.71
CA GLY A 405 37.15 9.71 -0.27
C GLY A 405 37.49 9.45 1.19
N GLY A 406 37.30 8.20 1.64
CA GLY A 406 37.56 7.78 3.01
C GLY A 406 36.45 6.86 3.51
N SER A 407 36.36 6.65 4.82
CA SER A 407 35.34 5.79 5.39
C SER A 407 33.96 6.46 5.30
N LEU A 408 32.92 5.64 5.33
CA LEU A 408 31.53 6.11 5.41
C LEU A 408 31.33 6.87 6.71
N GLU A 409 32.05 6.49 7.77
CA GLU A 409 32.05 7.22 9.02
C GLU A 409 32.50 8.66 8.78
N SER A 410 33.59 8.85 8.03
CA SER A 410 34.13 10.19 7.82
C SER A 410 33.15 11.03 6.98
N LEU A 411 32.54 10.42 5.96
CA LEU A 411 31.55 11.12 5.16
C LEU A 411 30.36 11.53 6.03
N ILE A 412 29.87 10.60 6.85
CA ILE A 412 28.71 10.85 7.70
C ILE A 412 29.00 12.04 8.64
N SER A 413 30.16 12.01 9.31
CA SER A 413 30.54 13.10 10.21
C SER A 413 30.57 14.41 9.43
N ALA A 414 31.16 14.36 8.23
CA ALA A 414 31.21 15.53 7.38
C ALA A 414 29.80 16.11 7.17
N ILE A 415 28.83 15.22 6.88
CA ILE A 415 27.45 15.62 6.60
C ILE A 415 26.78 16.18 7.85
N HIS A 416 26.97 15.48 8.98
CA HIS A 416 26.43 15.89 10.28
C HIS A 416 26.95 17.28 10.68
N GLU A 417 28.25 17.55 10.41
CA GLU A 417 28.90 18.78 10.78
C GLU A 417 28.32 19.92 9.94
N ARG A 418 27.87 19.61 8.72
CA ARG A 418 27.20 20.60 7.91
C ARG A 418 25.75 20.79 8.36
N GLY A 419 25.34 20.09 9.42
CA GLY A 419 24.02 20.30 10.00
C GLY A 419 22.91 19.50 9.28
N LEU A 420 23.28 18.39 8.62
CA LEU A 420 22.29 17.62 7.88
C LEU A 420 22.19 16.22 8.48
N GLN A 421 20.98 15.67 8.51
CA GLN A 421 20.86 14.24 8.78
C GLN A 421 21.46 13.46 7.60
N PHE A 422 21.75 12.18 7.79
CA PHE A 422 22.39 11.38 6.76
C PHE A 422 21.56 10.15 6.41
N GLY A 423 21.39 9.92 5.10
CA GLY A 423 20.60 8.81 4.61
C GLY A 423 21.34 7.98 3.56
N LEU A 424 20.92 6.72 3.38
CA LEU A 424 21.69 5.83 2.52
C LEU A 424 20.74 4.88 1.78
N TRP A 425 21.06 4.65 0.50
CA TRP A 425 20.30 3.77 -0.38
C TRP A 425 20.84 2.34 -0.23
N LEU A 426 19.93 1.36 -0.16
CA LEU A 426 20.32 -0.05 -0.22
C LEU A 426 19.37 -0.79 -1.17
N GLU A 427 19.84 -1.94 -1.67
CA GLU A 427 19.01 -2.86 -2.43
C GLU A 427 19.32 -4.30 -2.01
N PRO A 428 18.97 -4.67 -0.76
CA PRO A 428 19.43 -5.94 -0.16
C PRO A 428 18.98 -7.25 -0.80
N GLU A 429 17.88 -7.19 -1.58
CA GLU A 429 17.24 -8.39 -2.10
C GLU A 429 17.89 -8.83 -3.42
N MET A 430 18.94 -8.13 -3.85
CA MET A 430 19.45 -8.29 -5.21
C MET A 430 20.91 -8.69 -5.25
N ILE A 431 21.29 -9.37 -6.35
CA ILE A 431 22.66 -9.84 -6.55
C ILE A 431 22.99 -9.71 -8.03
N SER A 432 24.15 -9.09 -8.33
CA SER A 432 24.67 -9.06 -9.68
C SER A 432 25.54 -10.30 -9.94
N VAL A 433 25.51 -10.78 -11.18
CA VAL A 433 26.40 -11.86 -11.60
C VAL A 433 27.84 -11.40 -11.37
N ASP A 434 28.13 -10.16 -11.78
CA ASP A 434 29.43 -9.54 -11.53
C ASP A 434 29.43 -8.90 -10.14
N SER A 435 29.74 -9.73 -9.14
CA SER A 435 29.81 -9.34 -7.74
C SER A 435 30.57 -10.47 -7.05
N ASP A 436 31.20 -10.16 -5.90
CA ASP A 436 31.93 -11.16 -5.15
C ASP A 436 30.92 -12.07 -4.47
N LEU A 437 29.74 -11.52 -4.17
CA LEU A 437 28.72 -12.37 -3.59
C LEU A 437 28.37 -13.50 -4.55
N TYR A 438 28.12 -13.16 -5.83
CA TYR A 438 27.72 -14.18 -6.79
C TYR A 438 28.87 -15.17 -7.02
N ARG A 439 30.12 -14.67 -7.02
CA ARG A 439 31.28 -15.52 -7.20
C ARG A 439 31.43 -16.48 -6.01
N GLN A 440 31.08 -16.04 -4.80
CA GLN A 440 31.16 -16.89 -3.62
C GLN A 440 29.93 -17.81 -3.52
N HIS A 441 28.74 -17.31 -3.88
CA HIS A 441 27.52 -18.09 -3.66
C HIS A 441 26.57 -17.93 -4.85
N PRO A 442 26.89 -18.53 -6.04
CA PRO A 442 26.00 -18.46 -7.19
C PRO A 442 24.62 -19.11 -7.01
N ASP A 443 24.48 -19.98 -6.00
CA ASP A 443 23.26 -20.75 -5.75
C ASP A 443 22.26 -19.94 -4.90
N TRP A 444 22.68 -18.75 -4.46
CA TRP A 444 21.84 -17.89 -3.64
C TRP A 444 20.81 -17.16 -4.50
N ALA A 445 21.05 -17.07 -5.81
CA ALA A 445 20.15 -16.42 -6.75
C ALA A 445 18.94 -17.31 -7.03
N ILE A 446 17.77 -16.69 -7.18
CA ILE A 446 16.60 -17.43 -7.65
C ILE A 446 16.89 -17.89 -9.07
N GLN A 447 16.72 -19.20 -9.32
CA GLN A 447 17.11 -19.81 -10.59
C GLN A 447 16.48 -21.19 -10.72
N VAL A 448 16.55 -21.73 -11.94
CA VAL A 448 16.11 -23.09 -12.22
C VAL A 448 17.36 -23.83 -12.70
N PRO A 449 17.71 -25.01 -12.15
CA PRO A 449 18.88 -25.76 -12.62
C PRO A 449 18.73 -26.06 -14.11
N GLY A 450 19.79 -25.76 -14.88
CA GLY A 450 19.88 -26.09 -16.30
C GLY A 450 19.17 -25.06 -17.21
N TYR A 451 18.71 -23.94 -16.63
CA TYR A 451 18.19 -22.83 -17.42
C TYR A 451 19.09 -21.61 -17.20
N GLU A 452 19.44 -20.92 -18.30
CA GLU A 452 20.09 -19.62 -18.22
C GLU A 452 19.25 -18.69 -17.35
N HIS A 453 19.92 -17.69 -16.75
CA HIS A 453 19.23 -16.66 -16.00
C HIS A 453 18.34 -15.85 -16.92
N THR A 454 17.19 -15.41 -16.39
CA THR A 454 16.52 -14.27 -16.97
C THR A 454 17.00 -13.01 -16.24
N TYR A 455 17.39 -12.00 -17.03
CA TYR A 455 17.98 -10.79 -16.50
C TYR A 455 16.97 -9.65 -16.52
N SER A 456 17.18 -8.68 -15.61
CA SER A 456 16.34 -7.50 -15.54
C SER A 456 17.14 -6.37 -14.90
N ARG A 457 17.32 -5.25 -15.61
CA ARG A 457 18.33 -4.26 -15.22
C ARG A 457 19.66 -4.97 -14.96
N ASN A 458 19.93 -6.04 -15.73
CA ASN A 458 21.15 -6.83 -15.67
C ASN A 458 21.47 -7.28 -14.24
N GLN A 459 20.45 -7.69 -13.48
CA GLN A 459 20.70 -8.20 -12.13
C GLN A 459 19.80 -9.38 -11.87
N LEU A 460 20.08 -10.08 -10.76
CA LEU A 460 19.28 -11.23 -10.33
C LEU A 460 18.66 -10.97 -8.95
N VAL A 461 17.67 -11.81 -8.59
CA VAL A 461 17.06 -11.69 -7.28
C VAL A 461 17.70 -12.74 -6.36
N LEU A 462 17.94 -12.35 -5.10
CA LEU A 462 18.40 -13.26 -4.08
C LEU A 462 17.23 -14.12 -3.61
N ASN A 463 17.52 -15.38 -3.26
CA ASN A 463 16.50 -16.28 -2.77
C ASN A 463 16.32 -16.06 -1.27
N LEU A 464 15.44 -15.12 -0.89
CA LEU A 464 15.19 -14.88 0.52
C LEU A 464 14.39 -16.03 1.15
N ALA A 465 13.98 -17.02 0.36
CA ALA A 465 13.43 -18.25 0.92
C ALA A 465 14.53 -19.13 1.55
N ASN A 466 15.79 -18.81 1.24
CA ASN A 466 16.94 -19.55 1.78
C ASN A 466 17.34 -18.92 3.11
N PRO A 467 17.20 -19.62 4.26
CA PRO A 467 17.51 -19.04 5.55
C PRO A 467 18.96 -18.50 5.63
N GLN A 468 19.88 -19.03 4.82
CA GLN A 468 21.25 -18.56 4.86
C GLN A 468 21.33 -17.17 4.25
N VAL A 469 20.48 -16.93 3.22
CA VAL A 469 20.41 -15.63 2.58
C VAL A 469 19.91 -14.59 3.58
N VAL A 470 18.87 -14.94 4.35
CA VAL A 470 18.28 -14.02 5.33
C VAL A 470 19.27 -13.73 6.45
N GLU A 471 20.04 -14.76 6.84
CA GLU A 471 20.98 -14.64 7.94
C GLU A 471 22.12 -13.71 7.51
N TYR A 472 22.57 -13.86 6.27
CA TYR A 472 23.64 -13.03 5.73
C TYR A 472 23.19 -11.58 5.67
N LEU A 473 21.95 -11.35 5.20
CA LEU A 473 21.53 -9.97 5.01
C LEU A 473 21.29 -9.31 6.38
N LYS A 474 20.70 -10.05 7.30
CA LYS A 474 20.54 -9.57 8.66
C LYS A 474 21.90 -9.08 9.19
N SER A 475 22.93 -9.92 9.00
CA SER A 475 24.23 -9.68 9.59
C SER A 475 24.92 -8.46 8.96
N VAL A 476 24.99 -8.45 7.62
CA VAL A 476 25.62 -7.38 6.88
C VAL A 476 24.97 -6.04 7.22
N LEU A 477 23.63 -6.01 7.28
CA LEU A 477 22.93 -4.75 7.41
C LEU A 477 22.94 -4.28 8.87
N ASP A 478 22.84 -5.22 9.80
CA ASP A 478 22.92 -4.88 11.21
C ASP A 478 24.29 -4.28 11.50
N GLN A 479 25.33 -4.85 10.89
CA GLN A 479 26.66 -4.30 11.02
C GLN A 479 26.71 -2.90 10.43
N LEU A 480 26.04 -2.70 9.29
CA LEU A 480 26.10 -1.39 8.66
C LEU A 480 25.44 -0.34 9.56
N LEU A 481 24.32 -0.70 10.20
CA LEU A 481 23.55 0.30 10.94
C LEU A 481 24.16 0.53 12.33
N PHE A 482 24.75 -0.50 12.96
CA PHE A 482 25.32 -0.33 14.29
C PHE A 482 26.62 0.46 14.25
N TYR A 483 27.37 0.34 13.15
CA TYR A 483 28.67 0.95 13.05
C TYR A 483 28.65 2.36 12.44
N HIS A 484 27.47 2.86 12.04
CA HIS A 484 27.39 4.17 11.41
C HIS A 484 26.15 4.91 11.90
N ASP A 485 26.28 6.23 12.06
CA ASP A 485 25.21 7.10 12.54
C ASP A 485 24.29 7.46 11.39
N ILE A 486 23.53 6.49 10.88
CA ILE A 486 22.67 6.68 9.73
C ILE A 486 21.28 7.07 10.23
N ASP A 487 20.73 8.15 9.66
CA ASP A 487 19.46 8.69 10.13
C ASP A 487 18.27 8.17 9.29
N TYR A 488 18.57 7.55 8.14
CA TYR A 488 17.52 7.27 7.18
C TYR A 488 18.04 6.23 6.19
N ILE A 489 17.15 5.32 5.76
CA ILE A 489 17.48 4.29 4.79
C ILE A 489 16.44 4.35 3.66
N LYS A 490 16.93 4.35 2.42
CA LYS A 490 16.09 4.12 1.26
C LYS A 490 16.30 2.69 0.81
N TRP A 491 15.25 1.88 0.90
CA TRP A 491 15.34 0.46 0.63
C TRP A 491 14.69 0.15 -0.71
N ASP A 492 15.53 -0.06 -1.72
CA ASP A 492 15.05 -0.21 -3.09
C ASP A 492 14.98 -1.68 -3.45
N MET A 493 14.42 -1.97 -4.64
CA MET A 493 14.18 -3.32 -5.12
C MET A 493 13.78 -3.19 -6.58
N ASN A 494 14.73 -3.48 -7.49
CA ASN A 494 14.62 -2.97 -8.86
C ASN A 494 14.30 -4.04 -9.90
N ARG A 495 13.78 -5.20 -9.50
CA ARG A 495 13.29 -6.12 -10.54
C ARG A 495 12.27 -7.11 -9.96
N ASN A 496 11.61 -7.84 -10.85
CA ASN A 496 10.60 -8.82 -10.46
C ASN A 496 11.19 -10.24 -10.60
N ILE A 497 10.47 -11.24 -10.07
CA ILE A 497 11.04 -12.57 -9.86
C ILE A 497 10.69 -13.46 -11.06
N THR A 498 11.75 -14.06 -11.65
CA THR A 498 11.65 -15.05 -12.72
C THR A 498 12.39 -16.33 -12.33
N LYS A 499 12.24 -17.37 -13.15
CA LYS A 499 13.01 -18.61 -13.03
C LYS A 499 12.88 -19.20 -11.62
N LEU A 500 11.65 -19.54 -11.20
CA LEU A 500 11.42 -20.20 -9.92
C LEU A 500 11.80 -21.69 -10.01
N GLY A 501 12.89 -22.08 -9.32
CA GLY A 501 13.23 -23.50 -9.31
C GLY A 501 14.30 -23.88 -8.27
N ASN A 502 14.28 -23.23 -7.09
CA ASN A 502 15.28 -23.45 -6.06
C ASN A 502 14.86 -24.53 -5.06
N GLY A 503 13.63 -25.05 -5.18
CA GLY A 503 13.18 -26.10 -4.27
C GLY A 503 13.90 -27.43 -4.52
N LEU A 504 13.96 -28.28 -3.50
CA LEU A 504 14.47 -29.63 -3.67
C LEU A 504 13.35 -30.47 -4.25
N THR A 505 12.13 -29.95 -4.15
CA THR A 505 10.99 -30.52 -4.85
C THR A 505 10.19 -29.41 -5.51
N TYR A 506 9.33 -29.80 -6.45
CA TYR A 506 8.40 -28.89 -7.08
C TYR A 506 7.59 -28.15 -6.02
N LEU A 507 7.12 -28.90 -5.01
CA LEU A 507 6.34 -28.28 -3.94
C LEU A 507 7.13 -27.19 -3.22
N GLU A 508 8.43 -27.41 -2.97
CA GLU A 508 9.22 -26.40 -2.26
C GLU A 508 9.43 -25.15 -3.13
N THR A 509 9.46 -25.34 -4.45
CA THR A 509 9.53 -24.23 -5.38
C THR A 509 8.22 -23.43 -5.34
N GLN A 510 7.09 -24.16 -5.28
CA GLN A 510 5.79 -23.52 -5.27
C GLN A 510 5.67 -22.67 -4.01
N MET A 511 6.44 -23.02 -2.99
CA MET A 511 6.37 -22.34 -1.70
C MET A 511 7.34 -21.17 -1.68
N GLN A 512 8.33 -21.12 -2.59
CA GLN A 512 9.45 -20.22 -2.39
C GLN A 512 9.06 -18.75 -2.55
N SER A 513 7.99 -18.43 -3.29
CA SER A 513 7.64 -17.02 -3.48
C SER A 513 7.08 -16.41 -2.20
N HIS A 514 6.21 -17.16 -1.51
CA HIS A 514 5.70 -16.74 -0.23
C HIS A 514 6.78 -16.83 0.86
N GLN A 515 7.65 -17.84 0.80
CA GLN A 515 8.74 -17.97 1.77
C GLN A 515 9.67 -16.77 1.63
N TYR A 516 9.85 -16.30 0.39
CA TYR A 516 10.63 -15.11 0.11
C TYR A 516 10.06 -13.94 0.90
N MET A 517 8.73 -13.78 0.83
CA MET A 517 8.07 -12.69 1.53
C MET A 517 8.23 -12.84 3.05
N LEU A 518 8.11 -14.08 3.55
CA LEU A 518 8.33 -14.32 4.98
C LEU A 518 9.76 -13.92 5.37
N GLY A 519 10.73 -14.24 4.51
CA GLY A 519 12.13 -13.88 4.75
C GLY A 519 12.35 -12.36 4.74
N LEU A 520 11.74 -11.69 3.76
CA LEU A 520 11.79 -10.22 3.71
C LEU A 520 11.20 -9.60 4.99
N TYR A 521 10.01 -10.07 5.41
CA TYR A 521 9.36 -9.51 6.59
C TYR A 521 10.15 -9.81 7.88
N GLU A 522 10.75 -11.00 7.95
CA GLU A 522 11.63 -11.31 9.07
C GLU A 522 12.78 -10.30 9.09
N LEU A 523 13.34 -10.02 7.91
CA LEU A 523 14.47 -9.12 7.76
C LEU A 523 14.13 -7.69 8.13
N VAL A 524 13.05 -7.15 7.55
CA VAL A 524 12.77 -5.73 7.70
C VAL A 524 12.16 -5.44 9.06
N SER A 525 11.34 -6.37 9.59
CA SER A 525 10.79 -6.17 10.93
C SER A 525 11.91 -6.18 11.95
N TYR A 526 12.81 -7.16 11.83
CA TYR A 526 14.00 -7.17 12.68
C TYR A 526 14.73 -5.82 12.61
N LEU A 527 15.12 -5.39 11.40
CA LEU A 527 15.97 -4.20 11.25
C LEU A 527 15.29 -2.92 11.67
N THR A 528 14.03 -2.70 11.23
CA THR A 528 13.34 -1.46 11.55
C THR A 528 13.07 -1.33 13.05
N GLU A 529 12.85 -2.48 13.71
CA GLU A 529 12.53 -2.54 15.14
C GLU A 529 13.81 -2.36 15.95
N LYS A 530 14.92 -2.98 15.51
CA LYS A 530 16.20 -2.88 16.19
C LYS A 530 16.75 -1.47 16.08
N HIS A 531 16.46 -0.77 14.97
CA HIS A 531 17.02 0.56 14.73
C HIS A 531 15.87 1.55 14.56
N SER A 532 15.11 1.73 15.64
CA SER A 532 13.76 2.28 15.56
C SER A 532 13.82 3.80 15.39
N HIS A 533 15.03 4.36 15.45
CA HIS A 533 15.20 5.80 15.24
C HIS A 533 15.46 6.13 13.78
N ILE A 534 15.89 5.14 12.98
CA ILE A 534 16.10 5.39 11.56
C ILE A 534 14.74 5.41 10.85
N LEU A 535 14.51 6.46 10.05
CA LEU A 535 13.40 6.51 9.11
C LEU A 535 13.74 5.68 7.87
N PHE A 536 13.00 4.59 7.66
CA PHE A 536 13.15 3.76 6.47
C PHE A 536 12.09 4.15 5.44
N GLU A 537 12.56 4.42 4.20
CA GLU A 537 11.71 4.70 3.06
C GLU A 537 11.79 3.54 2.09
N SER A 538 10.63 2.92 1.78
CA SER A 538 10.59 1.82 0.82
C SER A 538 10.56 2.35 -0.61
N CYS A 539 10.97 1.47 -1.53
CA CYS A 539 11.17 1.83 -2.92
C CYS A 539 11.20 0.55 -3.75
N SER A 540 10.71 0.65 -4.98
CA SER A 540 10.83 -0.42 -5.95
C SER A 540 10.69 0.18 -7.34
N GLY A 541 11.80 0.71 -7.85
CA GLY A 541 11.78 1.51 -9.06
C GLY A 541 10.64 2.52 -8.97
N GLY A 542 10.64 3.25 -7.84
CA GLY A 542 9.48 4.03 -7.42
C GLY A 542 8.46 3.16 -6.69
N GLY A 543 7.23 3.15 -7.23
CA GLY A 543 6.10 2.53 -6.55
C GLY A 543 5.77 1.11 -7.02
N GLY A 544 6.81 0.29 -7.24
CA GLY A 544 6.60 -1.09 -7.64
C GLY A 544 6.17 -2.03 -6.52
N ARG A 545 6.14 -1.53 -5.27
CA ARG A 545 5.75 -2.36 -4.14
C ARG A 545 5.17 -1.47 -3.04
N ASN A 546 4.28 -0.55 -3.45
CA ASN A 546 3.72 0.43 -2.53
C ASN A 546 2.40 -0.11 -1.99
N ASP A 547 2.48 -0.93 -0.92
CA ASP A 547 1.32 -1.61 -0.39
C ASP A 547 1.37 -1.55 1.13
N LEU A 548 0.30 -2.04 1.79
CA LEU A 548 0.17 -1.93 3.25
C LEU A 548 1.03 -2.97 3.97
N GLY A 549 1.51 -3.99 3.25
CA GLY A 549 2.52 -4.87 3.80
C GLY A 549 3.83 -4.11 4.10
N MET A 550 4.28 -3.30 3.14
CA MET A 550 5.54 -2.57 3.29
C MET A 550 5.33 -1.41 4.25
N MET A 551 4.15 -0.78 4.21
CA MET A 551 3.89 0.41 5.01
C MET A 551 3.79 0.09 6.51
N ARG A 552 3.66 -1.18 6.87
CA ARG A 552 3.75 -1.62 8.26
C ARG A 552 5.15 -1.36 8.86
N TYR A 553 6.19 -1.32 8.01
CA TYR A 553 7.56 -1.19 8.50
C TYR A 553 8.28 0.05 7.97
N PHE A 554 7.81 0.55 6.82
CA PHE A 554 8.41 1.69 6.14
C PHE A 554 7.38 2.83 6.08
N PRO A 555 7.53 3.88 6.92
CA PRO A 555 6.51 4.92 7.04
C PRO A 555 6.43 5.94 5.90
N GLN A 556 7.28 5.76 4.89
CA GLN A 556 7.16 6.51 3.64
C GLN A 556 7.71 5.65 2.51
N VAL A 557 7.35 6.05 1.28
CA VAL A 557 7.62 5.27 0.09
C VAL A 557 7.92 6.23 -1.06
N TRP A 558 8.89 5.86 -1.90
CA TRP A 558 9.16 6.64 -3.09
C TRP A 558 8.08 6.37 -4.13
N ALA A 559 7.11 7.30 -4.23
CA ALA A 559 5.85 7.02 -4.91
C ALA A 559 6.05 6.64 -6.38
N SER A 560 7.07 7.21 -7.02
CA SER A 560 7.31 7.01 -8.45
C SER A 560 8.67 7.59 -8.85
N ASP A 561 9.38 6.90 -9.76
CA ASP A 561 10.57 7.45 -10.41
C ASP A 561 10.21 8.61 -11.33
N ASN A 562 8.93 8.73 -11.68
CA ASN A 562 8.51 9.85 -12.52
C ASN A 562 8.39 11.08 -11.63
N THR A 563 9.33 12.02 -11.77
CA THR A 563 9.32 13.21 -10.93
C THR A 563 8.86 14.44 -11.71
N ASP A 564 8.24 14.23 -12.87
CA ASP A 564 7.64 15.34 -13.60
C ASP A 564 6.44 15.88 -12.81
N ALA A 565 6.33 17.21 -12.71
CA ALA A 565 5.30 17.81 -11.88
C ALA A 565 3.90 17.47 -12.41
N ILE A 566 3.76 17.42 -13.74
CA ILE A 566 2.47 17.18 -14.38
C ILE A 566 2.16 15.69 -14.38
N ALA A 567 3.14 14.86 -14.76
CA ALA A 567 2.92 13.41 -14.71
C ALA A 567 2.66 12.95 -13.27
N ARG A 568 3.14 13.70 -12.27
CA ARG A 568 2.95 13.34 -10.86
C ARG A 568 1.49 13.50 -10.41
N LEU A 569 0.70 14.35 -11.09
CA LEU A 569 -0.66 14.64 -10.67
C LEU A 569 -1.51 13.38 -10.55
N PRO A 570 -1.74 12.56 -11.62
CA PRO A 570 -2.46 11.30 -11.46
C PRO A 570 -1.79 10.28 -10.52
N ILE A 571 -0.46 10.33 -10.43
CA ILE A 571 0.29 9.40 -9.59
C ILE A 571 0.00 9.68 -8.12
N GLN A 572 -0.04 10.96 -7.74
CA GLN A 572 -0.23 11.38 -6.36
C GLN A 572 -1.71 11.19 -5.97
N TYR A 573 -2.60 11.46 -6.93
CA TYR A 573 -4.02 11.16 -6.81
C TYR A 573 -4.20 9.71 -6.37
N GLY A 574 -3.61 8.75 -7.11
CA GLY A 574 -3.72 7.36 -6.72
C GLY A 574 -2.90 6.99 -5.47
N SER A 575 -1.71 7.60 -5.32
CA SER A 575 -0.77 7.19 -4.30
C SER A 575 -1.28 7.55 -2.90
N SER A 576 -2.09 8.61 -2.82
CA SER A 576 -2.66 9.02 -1.55
C SER A 576 -4.14 8.64 -1.47
N TYR A 577 -4.65 7.80 -2.39
CA TYR A 577 -6.08 7.52 -2.44
C TYR A 577 -6.51 6.73 -1.21
N LEU A 578 -5.70 5.74 -0.82
CA LEU A 578 -6.03 4.91 0.33
C LEU A 578 -4.97 5.06 1.41
N TYR A 579 -3.83 5.67 1.04
CA TYR A 579 -2.66 5.83 1.89
C TYR A 579 -2.50 7.30 2.27
N PRO A 580 -2.06 7.59 3.52
CA PRO A 580 -1.93 8.98 3.97
C PRO A 580 -0.81 9.71 3.21
N THR A 581 -1.03 11.02 3.04
CA THR A 581 -0.10 11.89 2.33
C THR A 581 1.29 11.81 2.93
N ILE A 582 1.37 11.65 4.26
CA ILE A 582 2.68 11.63 4.92
C ILE A 582 3.58 10.52 4.33
N SER A 583 2.97 9.46 3.81
CA SER A 583 3.74 8.35 3.23
C SER A 583 4.39 8.69 1.89
N MET A 584 3.92 9.76 1.24
CA MET A 584 4.04 9.84 -0.22
C MET A 584 5.20 10.74 -0.64
N GLY A 585 6.38 10.12 -0.84
CA GLY A 585 7.57 10.87 -1.24
C GLY A 585 7.39 11.55 -2.60
N ALA A 586 7.84 12.81 -2.68
CA ALA A 586 7.71 13.64 -3.87
C ALA A 586 8.86 14.64 -3.93
N HIS A 587 9.62 14.64 -5.04
CA HIS A 587 10.83 15.47 -5.13
C HIS A 587 10.75 16.48 -6.27
N VAL A 588 11.13 17.72 -5.97
CA VAL A 588 11.44 18.71 -7.00
C VAL A 588 12.67 18.23 -7.74
N SER A 589 12.54 18.10 -9.08
CA SER A 589 13.61 17.60 -9.92
C SER A 589 13.95 18.61 -11.04
N ALA A 590 14.98 18.29 -11.84
CA ALA A 590 15.47 19.20 -12.87
C ALA A 590 14.57 19.24 -14.11
N VAL A 591 14.76 20.28 -14.94
CA VAL A 591 14.09 20.42 -16.22
C VAL A 591 15.15 20.56 -17.32
N PRO A 592 14.94 20.03 -18.55
CA PRO A 592 13.75 19.25 -18.89
C PRO A 592 13.67 17.95 -18.07
N ASN A 593 12.45 17.55 -17.70
CA ASN A 593 12.25 16.39 -16.86
C ASN A 593 12.83 15.14 -17.54
N HIS A 594 13.49 14.29 -16.74
CA HIS A 594 14.29 13.19 -17.26
C HIS A 594 13.41 12.06 -17.82
N GLN A 595 12.16 11.96 -17.35
CA GLN A 595 11.26 10.89 -17.78
C GLN A 595 10.37 11.35 -18.94
N MET A 596 9.87 12.60 -18.87
CA MET A 596 8.85 13.07 -19.82
C MET A 596 9.44 13.94 -20.94
N GLY A 597 10.66 14.47 -20.77
CA GLY A 597 11.26 15.40 -21.73
C GLY A 597 10.55 16.76 -21.74
N ARG A 598 10.16 17.25 -20.56
CA ARG A 598 9.22 18.35 -20.47
C ARG A 598 9.80 19.47 -19.60
N MET A 599 9.61 20.73 -20.03
CA MET A 599 9.84 21.89 -19.18
C MET A 599 8.60 22.20 -18.33
N THR A 600 8.77 22.36 -17.01
CA THR A 600 7.70 22.78 -16.14
C THR A 600 8.20 23.95 -15.31
N PRO A 601 7.34 24.91 -14.91
CA PRO A 601 7.76 25.97 -13.98
C PRO A 601 8.21 25.37 -12.65
N LEU A 602 9.29 25.95 -12.13
CA LEU A 602 9.83 25.57 -10.83
C LEU A 602 8.75 25.75 -9.76
N GLU A 603 7.95 26.82 -9.90
CA GLU A 603 6.85 27.02 -8.98
C GLU A 603 5.91 25.82 -8.95
N THR A 604 5.63 25.25 -10.13
CA THR A 604 4.70 24.14 -10.25
C THR A 604 5.32 22.84 -9.73
N ARG A 605 6.61 22.62 -10.06
CA ARG A 605 7.31 21.49 -9.49
C ARG A 605 7.24 21.56 -7.95
N GLY A 606 7.47 22.77 -7.42
CA GLY A 606 7.35 23.02 -5.99
C GLY A 606 5.97 22.67 -5.43
N LEU A 607 4.91 23.31 -5.95
CA LEU A 607 3.58 23.10 -5.42
C LEU A 607 3.13 21.65 -5.53
N VAL A 608 3.52 20.96 -6.61
CA VAL A 608 3.07 19.59 -6.76
C VAL A 608 3.75 18.69 -5.71
N ALA A 609 5.06 18.88 -5.54
CA ALA A 609 5.79 18.06 -4.58
C ALA A 609 5.29 18.35 -3.15
N MET A 610 4.79 19.57 -2.91
CA MET A 610 4.37 19.96 -1.57
C MET A 610 2.97 19.45 -1.24
N MET A 611 2.34 18.76 -2.19
CA MET A 611 1.11 18.03 -1.88
C MET A 611 1.51 16.65 -1.36
N GLY A 612 2.82 16.38 -1.40
CA GLY A 612 3.35 15.15 -0.83
C GLY A 612 4.36 15.46 0.28
N ASN A 613 5.23 14.48 0.55
CA ASN A 613 6.30 14.50 1.52
C ASN A 613 7.55 15.02 0.79
N LEU A 614 7.91 16.28 1.05
CA LEU A 614 8.75 17.06 0.15
C LEU A 614 10.22 16.67 0.27
N GLY A 615 10.84 16.47 -0.89
CA GLY A 615 12.29 16.44 -1.00
C GLY A 615 12.75 17.07 -2.32
N TYR A 616 14.08 17.03 -2.56
CA TYR A 616 14.72 17.63 -3.72
C TYR A 616 15.63 16.59 -4.35
N GLU A 617 15.63 16.55 -5.69
CA GLU A 617 16.47 15.58 -6.37
C GLU A 617 16.99 16.19 -7.67
N LEU A 618 17.93 17.13 -7.51
CA LEU A 618 18.58 17.78 -8.65
C LEU A 618 19.91 18.35 -8.15
N ASP A 619 20.77 18.73 -9.09
CA ASP A 619 22.12 19.17 -8.73
C ASP A 619 22.08 20.65 -8.35
N LEU A 620 21.93 20.93 -7.05
CA LEU A 620 21.86 22.28 -6.52
C LEU A 620 23.09 23.11 -6.87
N THR A 621 24.23 22.46 -7.15
CA THR A 621 25.47 23.16 -7.41
C THR A 621 25.48 23.79 -8.80
N ASN A 622 24.59 23.32 -9.69
CA ASN A 622 24.54 23.80 -11.06
C ASN A 622 23.40 24.80 -11.24
N LEU A 623 22.78 25.20 -10.13
CA LEU A 623 21.68 26.15 -10.17
C LEU A 623 22.23 27.57 -10.12
N SER A 624 21.50 28.50 -10.75
CA SER A 624 21.73 29.94 -10.62
C SER A 624 21.41 30.39 -9.19
N ASP A 625 21.83 31.63 -8.88
CA ASP A 625 21.60 32.22 -7.58
C ASP A 625 20.09 32.42 -7.38
N GLU A 626 19.40 32.74 -8.47
CA GLU A 626 17.95 32.96 -8.44
C GLU A 626 17.22 31.67 -8.13
N GLU A 627 17.64 30.58 -8.79
CA GLU A 627 16.99 29.29 -8.65
C GLU A 627 17.14 28.81 -7.21
N LYS A 628 18.34 29.04 -6.64
CA LYS A 628 18.65 28.72 -5.26
C LYS A 628 17.73 29.49 -4.32
N ALA A 629 17.59 30.80 -4.56
CA ALA A 629 16.70 31.64 -3.76
C ALA A 629 15.27 31.08 -3.80
N THR A 630 14.79 30.76 -5.01
CA THR A 630 13.45 30.18 -5.15
C THR A 630 13.36 28.91 -4.31
N ILE A 631 14.39 28.06 -4.40
CA ILE A 631 14.37 26.82 -3.65
C ILE A 631 14.34 27.09 -2.14
N ALA A 632 15.13 28.08 -1.68
CA ALA A 632 15.15 28.44 -0.26
C ALA A 632 13.77 28.91 0.17
N ASN A 633 13.08 29.65 -0.70
CA ASN A 633 11.73 30.12 -0.40
C ASN A 633 10.74 28.95 -0.35
N GLN A 634 10.91 27.96 -1.24
CA GLN A 634 10.00 26.82 -1.27
C GLN A 634 10.16 26.05 0.04
N VAL A 635 11.41 25.94 0.52
CA VAL A 635 11.70 25.18 1.72
C VAL A 635 11.11 25.89 2.93
N ASN A 636 11.21 27.23 2.97
CA ASN A 636 10.64 28.02 4.05
C ASN A 636 9.13 27.88 4.03
N LEU A 637 8.53 27.89 2.83
CA LEU A 637 7.09 27.75 2.74
C LEU A 637 6.67 26.39 3.32
N TYR A 638 7.33 25.31 2.87
CA TYR A 638 6.87 23.98 3.23
C TYR A 638 7.05 23.70 4.72
N LYS A 639 8.12 24.24 5.33
CA LYS A 639 8.29 24.11 6.78
C LYS A 639 7.02 24.59 7.50
N GLU A 640 6.37 25.60 6.92
CA GLU A 640 5.10 26.11 7.39
C GLU A 640 3.96 25.15 7.02
N LEU A 641 3.91 24.69 5.75
CA LEU A 641 2.81 23.87 5.28
C LEU A 641 2.90 22.44 5.81
N ARG A 642 4.10 22.01 6.24
CA ARG A 642 4.39 20.61 6.47
C ARG A 642 3.40 20.00 7.46
N PRO A 643 3.10 20.66 8.60
CA PRO A 643 2.10 20.12 9.53
C PRO A 643 0.72 19.97 8.87
N VAL A 644 0.34 20.92 8.02
CA VAL A 644 -0.98 20.90 7.40
C VAL A 644 -1.07 19.72 6.43
N VAL A 645 -0.04 19.58 5.59
CA VAL A 645 0.00 18.55 4.55
C VAL A 645 0.16 17.17 5.21
N GLN A 646 1.09 17.04 6.16
CA GLN A 646 1.46 15.72 6.65
C GLN A 646 0.54 15.26 7.76
N LEU A 647 -0.04 16.21 8.49
CA LEU A 647 -0.77 15.84 9.70
C LEU A 647 -2.25 16.12 9.53
N GLY A 648 -2.59 16.89 8.47
CA GLY A 648 -3.92 17.44 8.26
C GLY A 648 -4.81 16.49 7.46
N GLN A 649 -6.02 16.94 7.12
CA GLN A 649 -7.00 16.13 6.43
C GLN A 649 -7.03 16.55 4.95
N GLN A 650 -6.96 15.57 4.05
CA GLN A 650 -6.89 15.79 2.61
C GLN A 650 -8.28 15.76 1.98
N TYR A 651 -8.57 16.76 1.14
CA TYR A 651 -9.79 16.87 0.36
C TYR A 651 -9.45 17.12 -1.10
N ARG A 652 -9.77 16.14 -1.95
CA ARG A 652 -9.66 16.25 -3.39
C ARG A 652 -10.78 17.16 -3.87
N LEU A 653 -10.44 18.17 -4.69
CA LEU A 653 -11.45 19.11 -5.14
C LEU A 653 -11.64 18.96 -6.65
N ILE A 654 -10.53 18.84 -7.39
CA ILE A 654 -10.63 18.49 -8.80
C ILE A 654 -9.63 17.37 -9.04
N ASN A 655 -10.10 16.27 -9.66
CA ASN A 655 -9.28 15.07 -9.81
C ASN A 655 -8.55 15.10 -11.14
N PRO A 656 -7.22 14.81 -11.17
CA PRO A 656 -6.50 14.67 -12.43
C PRO A 656 -6.77 13.28 -13.01
N ASP A 657 -7.94 13.09 -13.58
CA ASP A 657 -8.20 11.81 -14.21
C ASP A 657 -7.77 11.90 -15.67
N THR A 658 -8.08 10.85 -16.42
CA THR A 658 -7.54 10.68 -17.76
C THR A 658 -8.00 11.82 -18.67
N VAL A 659 -9.09 12.51 -18.33
CA VAL A 659 -9.68 13.52 -19.21
C VAL A 659 -9.49 14.95 -18.69
N SER A 660 -9.35 15.12 -17.37
CA SER A 660 -9.37 16.44 -16.76
C SER A 660 -8.14 17.27 -17.17
N ASN A 661 -8.31 18.59 -17.24
CA ASN A 661 -7.21 19.47 -17.56
C ASN A 661 -6.68 20.15 -16.29
N GLU A 662 -7.20 19.72 -15.14
CA GLU A 662 -6.93 20.42 -13.89
C GLU A 662 -6.73 19.41 -12.76
N ALA A 663 -6.10 19.89 -11.67
CA ALA A 663 -6.01 19.19 -10.40
C ALA A 663 -6.12 20.19 -9.25
N ALA A 664 -6.84 19.84 -8.19
CA ALA A 664 -6.89 20.71 -7.02
C ALA A 664 -7.11 19.86 -5.77
N VAL A 665 -6.26 20.10 -4.75
CA VAL A 665 -6.27 19.37 -3.49
C VAL A 665 -6.19 20.37 -2.33
N GLN A 666 -7.08 20.17 -1.35
CA GLN A 666 -7.18 20.97 -0.14
C GLN A 666 -6.70 20.16 1.07
N PHE A 667 -6.04 20.83 2.02
CA PHE A 667 -5.71 20.25 3.32
C PHE A 667 -6.18 21.18 4.43
N ASN A 668 -6.87 20.60 5.42
CA ASN A 668 -7.27 21.30 6.65
C ASN A 668 -6.47 20.77 7.83
N TYR A 669 -6.01 21.69 8.69
CA TYR A 669 -5.35 21.28 9.92
C TYR A 669 -5.55 22.37 10.97
N GLY A 670 -6.48 22.13 11.90
CA GLY A 670 -6.85 23.16 12.87
C GLY A 670 -7.24 24.45 12.15
N ASN A 671 -6.54 25.54 12.48
CA ASN A 671 -6.87 26.88 11.99
C ASN A 671 -6.31 27.12 10.59
N GLN A 672 -5.73 26.08 9.97
CA GLN A 672 -5.07 26.30 8.69
C GLN A 672 -5.77 25.49 7.60
N THR A 673 -5.96 26.15 6.46
CA THR A 673 -6.55 25.57 5.26
C THR A 673 -5.73 26.05 4.07
N ILE A 674 -5.28 25.10 3.25
CA ILE A 674 -4.51 25.44 2.06
C ILE A 674 -5.16 24.74 0.86
N VAL A 675 -5.01 25.35 -0.33
CA VAL A 675 -5.54 24.76 -1.55
C VAL A 675 -4.50 24.96 -2.65
N THR A 676 -4.17 23.86 -3.35
CA THR A 676 -3.26 23.92 -4.48
C THR A 676 -4.03 23.61 -5.76
N TYR A 677 -3.85 24.46 -6.78
CA TYR A 677 -4.55 24.34 -8.05
C TYR A 677 -3.48 24.25 -9.13
N VAL A 678 -3.63 23.28 -10.05
CA VAL A 678 -2.74 23.16 -11.20
C VAL A 678 -3.60 23.01 -12.45
N ARG A 679 -3.18 23.71 -13.52
CA ARG A 679 -3.79 23.55 -14.84
C ARG A 679 -2.76 22.97 -15.79
N VAL A 680 -3.11 21.89 -16.51
CA VAL A 680 -2.14 21.28 -17.41
C VAL A 680 -2.00 22.12 -18.69
N LEU A 681 -3.00 22.14 -19.58
CA LEU A 681 -2.81 22.90 -20.81
C LEU A 681 -3.44 24.29 -20.69
N SER A 682 -2.72 25.29 -21.20
CA SER A 682 -3.23 26.62 -21.47
C SER A 682 -4.57 26.55 -22.17
N VAL A 683 -5.51 27.43 -21.79
CA VAL A 683 -6.81 27.54 -22.43
C VAL A 683 -7.01 29.00 -22.82
N VAL A 684 -7.97 29.21 -23.73
CA VAL A 684 -8.27 30.55 -24.21
C VAL A 684 -9.78 30.65 -24.43
N GLU A 685 -10.32 31.85 -24.22
CA GLU A 685 -11.74 32.16 -24.33
C GLU A 685 -12.58 31.09 -23.65
N THR A 686 -12.22 30.82 -22.38
CA THR A 686 -12.85 29.80 -21.55
C THR A 686 -13.08 30.42 -20.18
N MET A 687 -14.33 30.41 -19.68
CA MET A 687 -14.56 31.04 -18.38
C MET A 687 -13.70 30.35 -17.31
N GLU A 688 -13.19 31.14 -16.36
CA GLU A 688 -12.43 30.67 -15.20
C GLU A 688 -13.22 29.58 -14.44
N THR A 689 -12.49 28.57 -13.95
CA THR A 689 -13.05 27.54 -13.08
C THR A 689 -13.49 28.20 -11.76
N THR A 690 -14.62 27.72 -11.23
CA THR A 690 -15.04 28.05 -9.88
C THR A 690 -14.72 26.87 -8.94
N LEU A 691 -13.89 27.14 -7.93
CA LEU A 691 -13.31 26.12 -7.06
C LEU A 691 -13.84 26.27 -5.64
N LYS A 692 -14.67 25.31 -5.19
CA LYS A 692 -15.28 25.38 -3.88
C LYS A 692 -14.47 24.54 -2.90
N LEU A 693 -14.25 25.08 -1.69
CA LEU A 693 -13.54 24.38 -0.63
C LEU A 693 -14.53 23.52 0.15
N LYS A 694 -14.02 22.54 0.93
CA LYS A 694 -14.87 21.62 1.68
C LYS A 694 -14.51 21.61 3.16
N ASP A 695 -15.48 21.18 3.97
CA ASP A 695 -15.28 20.86 5.38
C ASP A 695 -14.78 22.08 6.17
N LEU A 696 -15.43 23.23 5.97
CA LEU A 696 -15.11 24.43 6.73
C LEU A 696 -16.27 24.72 7.67
N ASP A 697 -16.02 25.58 8.67
N ASP A 697 -16.04 25.60 8.65
CA ASP A 697 -17.07 26.16 9.50
CA ASP A 697 -17.10 26.11 9.51
C ASP A 697 -17.81 27.19 8.67
C ASP A 697 -17.83 27.20 8.74
N GLU A 698 -19.13 27.01 8.52
CA GLU A 698 -19.95 27.93 7.73
C GLU A 698 -19.80 29.36 8.24
N GLU A 699 -19.76 29.50 9.58
CA GLU A 699 -19.69 30.77 10.28
C GLU A 699 -18.24 31.18 10.52
N GLY A 700 -17.28 30.28 10.23
CA GLY A 700 -15.88 30.61 10.39
C GLY A 700 -15.50 31.79 9.50
N LEU A 701 -14.50 32.55 9.93
CA LEU A 701 -13.96 33.63 9.11
C LEU A 701 -12.54 33.24 8.70
N TYR A 702 -12.32 33.25 7.38
CA TYR A 702 -11.10 32.69 6.79
C TYR A 702 -10.36 33.79 6.04
N LYS A 703 -9.16 34.09 6.55
CA LYS A 703 -8.36 35.17 6.03
C LYS A 703 -7.38 34.61 5.01
N LEU A 704 -7.48 35.11 3.77
CA LEU A 704 -6.67 34.67 2.66
C LEU A 704 -5.37 35.48 2.64
N GLN A 705 -4.27 34.76 2.84
CA GLN A 705 -2.97 35.37 3.07
C GLN A 705 -2.60 36.33 1.93
N GLU A 706 -2.91 35.94 0.68
CA GLU A 706 -2.34 36.67 -0.44
C GLU A 706 -2.96 38.06 -0.58
N ASN A 707 -4.24 38.22 -0.20
CA ASN A 707 -4.94 39.47 -0.43
C ASN A 707 -5.49 40.04 0.88
N GLY A 708 -5.31 39.32 2.00
CA GLY A 708 -5.80 39.76 3.29
C GLY A 708 -7.33 39.73 3.44
N GLU A 709 -8.07 39.38 2.39
CA GLU A 709 -9.52 39.38 2.46
C GLU A 709 -10.00 38.28 3.39
N VAL A 710 -11.10 38.58 4.10
CA VAL A 710 -11.67 37.61 5.01
C VAL A 710 -12.98 37.11 4.44
N TYR A 711 -13.10 35.78 4.30
CA TYR A 711 -14.27 35.13 3.72
C TYR A 711 -14.89 34.16 4.72
N SER A 712 -16.23 34.12 4.74
CA SER A 712 -16.85 33.12 5.58
C SER A 712 -16.64 31.75 4.92
N GLY A 713 -16.63 30.71 5.74
CA GLY A 713 -16.54 29.35 5.26
C GLY A 713 -17.67 29.03 4.29
N ALA A 714 -18.87 29.59 4.57
CA ALA A 714 -20.02 29.45 3.68
C ALA A 714 -19.69 29.98 2.29
N GLU A 715 -19.09 31.18 2.20
CA GLU A 715 -18.73 31.74 0.91
C GLU A 715 -17.76 30.82 0.16
N LEU A 716 -16.78 30.27 0.88
CA LEU A 716 -15.71 29.49 0.26
C LEU A 716 -16.25 28.12 -0.14
N MET A 717 -17.21 27.59 0.61
CA MET A 717 -17.74 26.27 0.28
C MET A 717 -18.87 26.40 -0.75
N TYR A 718 -19.64 27.49 -0.74
CA TYR A 718 -20.89 27.48 -1.51
C TYR A 718 -20.81 28.39 -2.73
N ALA A 719 -19.95 29.41 -2.68
CA ALA A 719 -19.72 30.26 -3.83
C ALA A 719 -18.40 29.86 -4.48
N GLY A 720 -17.32 29.80 -3.71
CA GLY A 720 -16.05 29.29 -4.21
C GLY A 720 -15.17 30.39 -4.81
N LEU A 721 -13.97 30.01 -5.25
CA LEU A 721 -12.95 30.93 -5.73
C LEU A 721 -12.95 30.90 -7.26
N THR A 722 -13.07 32.08 -7.88
CA THR A 722 -12.71 32.25 -9.29
C THR A 722 -11.19 32.07 -9.43
N VAL A 723 -10.80 31.06 -10.21
CA VAL A 723 -9.40 30.70 -10.33
C VAL A 723 -8.86 31.38 -11.58
N ILE A 724 -7.90 32.29 -11.36
CA ILE A 724 -7.31 33.11 -12.39
C ILE A 724 -5.87 32.67 -12.64
N LEU A 725 -5.53 32.45 -13.92
CA LEU A 725 -4.17 32.15 -14.35
C LEU A 725 -3.84 32.96 -15.59
N SER A 726 -2.54 33.29 -15.76
CA SER A 726 -1.99 33.80 -17.01
C SER A 726 -2.11 32.74 -18.09
N GLN A 727 -1.70 33.10 -19.32
CA GLN A 727 -1.61 32.18 -20.44
C GLN A 727 -0.39 31.28 -20.25
N GLY A 728 -0.56 29.97 -20.39
CA GLY A 728 0.58 29.07 -20.38
C GLY A 728 0.24 27.67 -19.86
N ASP A 729 1.09 26.72 -20.20
CA ASP A 729 0.95 25.34 -19.74
C ASP A 729 1.58 25.16 -18.37
N PHE A 730 0.99 24.25 -17.60
CA PHE A 730 1.55 23.73 -16.36
C PHE A 730 1.68 24.83 -15.31
N LEU A 731 0.76 25.80 -15.32
CA LEU A 731 0.73 26.82 -14.29
C LEU A 731 -0.01 26.30 -13.06
N SER A 732 0.32 26.88 -11.90
CA SER A 732 -0.25 26.43 -10.64
C SER A 732 -0.47 27.64 -9.74
N ARG A 733 -1.38 27.53 -8.76
CA ARG A 733 -1.34 28.49 -7.66
C ARG A 733 -1.79 27.84 -6.36
N GLN A 734 -1.46 28.53 -5.27
CA GLN A 734 -1.83 28.08 -3.94
C GLN A 734 -2.59 29.17 -3.21
N TYR A 735 -3.64 28.78 -2.50
CA TYR A 735 -4.39 29.69 -1.64
C TYR A 735 -4.16 29.22 -0.21
N ILE A 736 -3.74 30.16 0.67
CA ILE A 736 -3.47 29.88 2.07
C ILE A 736 -4.44 30.70 2.92
N PHE A 737 -5.18 30.01 3.79
CA PHE A 737 -6.22 30.60 4.64
C PHE A 737 -5.89 30.36 6.11
N ARG A 738 -6.17 31.37 6.95
CA ARG A 738 -6.13 31.19 8.40
C ARG A 738 -7.49 31.54 8.97
N LYS A 739 -8.08 30.58 9.69
CA LYS A 739 -9.34 30.79 10.40
C LYS A 739 -9.06 31.66 11.63
N LEU A 740 -9.81 32.78 11.75
CA LEU A 740 -9.53 33.81 12.76
C LEU A 740 -10.13 33.42 14.12
C1 EDO B . -8.88 28.00 -14.21
O1 EDO B . -9.79 29.10 -14.20
C2 EDO B . -7.64 28.30 -14.96
O2 EDO B . -7.87 28.39 -16.36
C1 EDO C . -23.76 -7.15 2.30
O1 EDO C . -24.54 -7.17 3.49
C2 EDO C . -23.00 -8.43 2.15
O2 EDO C . -23.89 -9.52 1.92
C1 EDO D . 15.09 26.03 -12.57
O1 EDO D . 13.92 25.88 -13.32
C2 EDO D . 15.92 24.81 -12.51
O2 EDO D . 15.26 23.73 -11.90
C1 EDO E . -0.07 -4.04 19.64
O1 EDO E . -1.29 -3.76 20.32
C2 EDO E . 1.05 -3.18 20.06
O2 EDO E . 1.17 -2.00 19.28
C1 EDO F . -24.85 8.58 -4.05
O1 EDO F . -25.98 9.31 -3.61
C2 EDO F . -25.26 7.38 -4.83
O2 EDO F . -24.15 6.54 -5.02
C1 EDO G . -15.96 12.52 5.00
O1 EDO G . -15.54 13.83 5.24
C2 EDO G . -15.62 11.76 6.18
O2 EDO G . -14.22 11.90 6.32
C1 EDO H . -7.67 31.91 -16.47
O1 EDO H . -7.90 33.18 -15.83
C2 EDO H . -8.85 31.01 -16.67
O2 EDO H . -9.15 30.52 -17.97
C1 GLA I . 15.51 3.07 -8.60
C2 GLA I . 14.93 4.09 -7.60
C3 GLA I . 15.53 5.47 -7.89
C4 GLA I . 17.05 5.35 -7.67
C5 GLA I . 17.65 4.24 -8.57
C6 GLA I . 19.15 3.93 -8.34
O1 GLA I . 15.18 3.38 -9.98
O2 GLA I . 13.50 4.08 -7.59
O3 GLA I . 14.95 6.44 -6.99
O4 GLA I . 17.25 5.11 -6.27
O5 GLA I . 16.94 3.03 -8.36
O6 GLA I . 19.55 2.77 -9.10
NA NA J . 2.22 -10.15 12.67
C TRS K . 33.55 1.65 7.44
C1 TRS K . 33.00 3.04 7.76
C2 TRS K . 34.17 1.63 6.05
C3 TRS K . 34.54 1.20 8.50
N TRS K . 32.41 0.67 7.42
O1 TRS K . 33.39 3.56 9.02
O2 TRS K . 33.67 2.68 5.25
O3 TRS K . 34.22 -0.09 8.99
#